data_2OYK
#
_entry.id   2OYK
#
_cell.length_a   53.545
_cell.length_b   92.919
_cell.length_c   94.489
_cell.angle_alpha   90.00
_cell.angle_beta   98.32
_cell.angle_gamma   90.00
#
_symmetry.space_group_name_H-M   'P 1 21 1'
#
loop_
_entity.id
_entity.type
_entity.pdbx_description
1 polymer 'Endoglycoceramidase II'
2 non-polymer 'SODIUM ION'
3 non-polymer '(3R,4R,5R)-3-hydroxy-5-(hydroxymethyl)piperidin-4-yl beta-D-glucopyranoside'
4 non-polymer GLYCEROL
5 water water
#
_entity_poly.entity_id   1
_entity_poly.type   'polypeptide(L)'
_entity_poly.pdbx_seq_one_letter_code
;MGSSHHHHHHSSGLVPRGSHMSGSGSGSGTALTPSYLKDDDGRSLILRGFNTASSAKSAPDGMPQFTEADLAREYADMGT
NFVRFLISWRSVEPAPGVYDQQYLDRVEDRVGWYAERGYKVMLDMHQDVYSGAITPEGNSGNGAGAIGNGAPAWATYMDG
LPVEPQPRWELYYIQPGVMRAFDNFWNTTGKHPELVEHYAKAWRAVADRFADNDAVVAYDLMNEPFGGSLQGPAFEAGPL
AAMYQRTTDAIRQVDQDTWVCVAPQAIGVNQGLPSGLTKIDDPRAGQQRIAYCPHLYPLPLDIGDGHEGLARTLTDVTID
AWRANTAHTARVLGDVPIILGEFGLDTTLPGARDYIERVYGTAREMGAGVSYWSSDPGPWGPYLPDGTQTLLVDTLNKPY
PRAVAGTPTEWSSTSDRLQLTIEPDAAITAPTEIYLPEAGFPGDVHVEGADVVGWDRQSRLLTVRTPADSGNVTVTVTPA
A
;
_entity_poly.pdbx_strand_id   A,B
#
# COMPACT_ATOMS: atom_id res chain seq x y z
N PRO A 34 -18.50 26.46 -4.64
CA PRO A 34 -17.16 26.19 -4.11
C PRO A 34 -16.37 25.15 -4.90
N SER A 35 -15.05 25.23 -4.79
CA SER A 35 -14.13 24.30 -5.43
CA SER A 35 -14.17 24.27 -5.43
C SER A 35 -13.56 23.33 -4.39
N TYR A 36 -13.19 22.15 -4.83
CA TYR A 36 -12.72 21.08 -3.95
C TYR A 36 -11.38 20.50 -4.39
N LEU A 37 -10.57 20.07 -3.42
CA LEU A 37 -9.45 19.17 -3.71
C LEU A 37 -10.05 17.86 -4.20
N LYS A 38 -9.31 17.15 -5.05
CA LYS A 38 -9.75 15.87 -5.59
C LYS A 38 -8.77 14.78 -5.26
N ASP A 39 -9.26 13.54 -5.11
CA ASP A 39 -8.38 12.38 -5.00
C ASP A 39 -7.99 11.91 -6.40
N ASP A 40 -7.20 10.85 -6.48
CA ASP A 40 -6.72 10.34 -7.77
C ASP A 40 -7.83 9.78 -8.66
N ASP A 41 -8.99 9.49 -8.09
CA ASP A 41 -10.16 9.04 -8.84
C ASP A 41 -11.02 10.22 -9.32
N GLY A 42 -10.62 11.45 -9.00
CA GLY A 42 -11.37 12.63 -9.43
C GLY A 42 -12.52 13.03 -8.51
N ARG A 43 -12.65 12.33 -7.38
CA ARG A 43 -13.72 12.62 -6.41
C ARG A 43 -13.39 13.86 -5.60
N SER A 44 -14.43 14.65 -5.30
CA SER A 44 -14.30 15.87 -4.51
C SER A 44 -14.26 15.51 -3.01
N LEU A 45 -13.23 16.02 -2.34
CA LEU A 45 -12.94 15.66 -0.95
C LEU A 45 -13.56 16.62 0.06
N ILE A 46 -14.30 16.06 1.02
CA ILE A 46 -14.77 16.84 2.15
C ILE A 46 -13.93 16.38 3.34
N LEU A 47 -13.06 17.27 3.80
CA LEU A 47 -11.98 16.91 4.70
C LEU A 47 -12.33 17.31 6.13
N ARG A 48 -12.26 16.35 7.04
CA ARG A 48 -12.62 16.55 8.44
C ARG A 48 -11.61 15.88 9.35
N GLY A 49 -10.95 16.68 10.18
CA GLY A 49 -9.97 16.11 11.08
C GLY A 49 -9.42 17.11 12.08
N PHE A 50 -8.21 16.83 12.53
CA PHE A 50 -7.53 17.60 13.57
C PHE A 50 -6.16 18.05 13.13
N ASN A 51 -5.68 19.07 13.81
CA ASN A 51 -4.26 19.38 13.87
C ASN A 51 -3.59 18.42 14.84
N THR A 52 -2.53 17.73 14.37
CA THR A 52 -1.78 16.81 15.20
C THR A 52 -0.29 17.03 14.98
N ALA A 53 0.44 17.54 15.98
CA ALA A 53 -0.10 18.05 17.23
C ALA A 53 0.85 19.11 17.76
N SER A 54 0.34 19.96 18.66
CA SER A 54 1.15 21.00 19.27
C SER A 54 2.34 20.40 20.02
N SER A 55 2.18 19.19 20.54
CA SER A 55 3.26 18.49 21.24
C SER A 55 4.51 18.25 20.39
N ALA A 56 4.37 18.26 19.06
CA ALA A 56 5.51 18.14 18.15
C ALA A 56 6.45 19.35 18.19
N LYS A 57 5.92 20.51 18.57
CA LYS A 57 6.67 21.76 18.51
C LYS A 57 7.98 21.72 19.31
N SER A 58 7.92 21.09 20.49
CA SER A 58 9.04 21.05 21.43
C SER A 58 9.75 19.69 21.50
N ALA A 59 9.24 18.70 20.77
CA ALA A 59 9.81 17.36 20.82
C ALA A 59 11.19 17.36 20.16
N PRO A 60 12.24 16.93 20.88
CA PRO A 60 13.56 16.88 20.25
C PRO A 60 13.60 16.19 18.87
N ASP A 61 12.85 15.09 18.71
CA ASP A 61 12.80 14.36 17.44
C ASP A 61 11.74 14.89 16.46
N GLY A 62 11.04 15.96 16.83
CA GLY A 62 10.10 16.63 15.94
C GLY A 62 8.75 15.96 15.80
N MET A 63 8.52 14.86 16.52
CA MET A 63 7.28 14.07 16.42
CA MET A 63 7.28 14.11 16.39
C MET A 63 6.30 14.43 17.52
N PRO A 64 4.99 14.37 17.20
CA PRO A 64 3.99 14.63 18.23
C PRO A 64 3.90 13.46 19.22
N GLN A 65 3.41 13.75 20.42
CA GLN A 65 3.08 12.71 21.40
C GLN A 65 1.74 12.13 21.00
N PHE A 66 1.78 11.24 20.02
CA PHE A 66 0.59 10.71 19.39
C PHE A 66 0.99 9.40 18.76
N THR A 67 0.28 8.35 19.14
CA THR A 67 0.62 6.99 18.72
C THR A 67 -0.39 6.48 17.70
N GLU A 68 -0.07 5.34 17.12
CA GLU A 68 -0.98 4.68 16.18
C GLU A 68 -2.27 4.27 16.89
N ALA A 69 -2.18 3.87 18.16
CA ALA A 69 -3.36 3.58 18.96
C ALA A 69 -4.23 4.82 19.20
N ASP A 70 -3.60 5.98 19.35
CA ASP A 70 -4.34 7.24 19.48
C ASP A 70 -5.12 7.51 18.19
N LEU A 71 -4.50 7.27 17.05
CA LEU A 71 -5.19 7.47 15.77
C LEU A 71 -6.35 6.51 15.64
N ALA A 72 -6.15 5.26 16.05
CA ALA A 72 -7.21 4.26 16.00
C ALA A 72 -8.41 4.71 16.83
N ARG A 73 -8.14 5.32 17.98
CA ARG A 73 -9.19 5.84 18.85
C ARG A 73 -9.93 7.00 18.18
N GLU A 74 -9.17 7.93 17.62
CA GLU A 74 -9.76 9.07 16.92
C GLU A 74 -10.71 8.59 15.82
N TYR A 75 -10.23 7.64 15.02
CA TYR A 75 -11.02 7.15 13.89
C TYR A 75 -12.26 6.41 14.38
N ALA A 76 -12.10 5.58 15.41
CA ALA A 76 -13.23 4.83 15.96
C ALA A 76 -14.30 5.74 16.54
N ASP A 77 -13.88 6.84 17.15
CA ASP A 77 -14.80 7.72 17.86
C ASP A 77 -15.43 8.79 16.97
N MET A 78 -14.72 9.23 15.94
CA MET A 78 -15.18 10.36 15.13
C MET A 78 -15.12 10.17 13.62
N GLY A 79 -14.50 9.11 13.13
CA GLY A 79 -14.49 8.82 11.69
C GLY A 79 -13.86 9.88 10.83
N THR A 80 -12.85 10.57 11.36
CA THR A 80 -12.14 11.61 10.64
C THR A 80 -11.39 11.04 9.42
N ASN A 81 -11.13 11.91 8.44
CA ASN A 81 -10.46 11.52 7.19
C ASN A 81 -9.34 12.48 6.77
N PHE A 82 -8.95 13.37 7.66
CA PHE A 82 -7.98 14.41 7.35
C PHE A 82 -7.12 14.68 8.58
N VAL A 83 -5.89 15.11 8.35
CA VAL A 83 -5.05 15.64 9.41
C VAL A 83 -4.20 16.79 8.87
N ARG A 84 -4.06 17.85 9.66
CA ARG A 84 -3.04 18.86 9.44
C ARG A 84 -1.91 18.44 10.37
N PHE A 85 -0.88 17.85 9.78
CA PHE A 85 0.21 17.24 10.54
C PHE A 85 1.36 18.23 10.64
N LEU A 86 1.74 18.58 11.87
CA LEU A 86 2.77 19.60 12.10
C LEU A 86 4.16 19.06 11.83
N ILE A 87 4.88 19.72 10.92
CA ILE A 87 6.32 19.53 10.74
C ILE A 87 7.03 20.84 11.08
N SER A 88 8.35 20.83 11.05
CA SER A 88 9.10 22.03 11.42
C SER A 88 10.36 22.20 10.61
N TRP A 89 10.65 23.45 10.26
CA TRP A 89 11.83 23.80 9.50
C TRP A 89 13.10 23.39 10.25
N ARG A 90 13.11 23.60 11.57
CA ARG A 90 14.25 23.21 12.40
C ARG A 90 14.56 21.70 12.33
N SER A 91 13.53 20.88 12.12
CA SER A 91 13.73 19.44 12.00
C SER A 91 14.13 19.03 10.58
N VAL A 92 13.59 19.73 9.58
CA VAL A 92 13.92 19.47 8.18
C VAL A 92 15.35 19.89 7.85
N GLU A 93 15.75 21.08 8.30
CA GLU A 93 17.02 21.68 7.93
C GLU A 93 17.77 22.11 9.19
N PRO A 94 18.32 21.14 9.94
CA PRO A 94 19.01 21.45 11.20
C PRO A 94 20.32 22.25 11.02
N ALA A 95 20.92 22.19 9.84
CA ALA A 95 22.04 23.05 9.50
C ALA A 95 21.83 23.59 8.08
N PRO A 96 22.42 24.76 7.78
CA PRO A 96 22.22 25.37 6.47
C PRO A 96 22.53 24.39 5.32
N GLY A 97 21.54 24.12 4.48
CA GLY A 97 21.70 23.24 3.32
C GLY A 97 21.79 21.74 3.62
N VAL A 98 21.61 21.36 4.88
CA VAL A 98 21.68 19.96 5.30
C VAL A 98 20.27 19.52 5.72
N TYR A 99 19.70 18.56 5.00
CA TYR A 99 18.36 18.08 5.30
C TYR A 99 18.42 16.75 6.04
N ASP A 100 17.59 16.63 7.08
CA ASP A 100 17.61 15.45 7.93
C ASP A 100 16.66 14.40 7.38
N GLN A 101 17.22 13.41 6.69
CA GLN A 101 16.40 12.36 6.08
C GLN A 101 15.84 11.39 7.11
N GLN A 102 16.46 11.32 8.29
CA GLN A 102 15.95 10.48 9.37
CA GLN A 102 15.94 10.47 9.36
C GLN A 102 14.69 11.11 9.97
N TYR A 103 14.66 12.43 10.05
CA TYR A 103 13.45 13.12 10.48
C TYR A 103 12.32 12.85 9.48
N LEU A 104 12.65 12.98 8.20
CA LEU A 104 11.67 12.71 7.14
C LEU A 104 11.19 11.25 7.17
N ASP A 105 12.07 10.31 7.52
CA ASP A 105 11.66 8.92 7.75
C ASP A 105 10.58 8.84 8.83
N ARG A 106 10.77 9.60 9.91
CA ARG A 106 9.81 9.59 11.02
C ARG A 106 8.47 10.18 10.59
N VAL A 107 8.50 11.29 9.86
CA VAL A 107 7.27 11.87 9.32
C VAL A 107 6.56 10.86 8.41
N GLU A 108 7.32 10.20 7.54
CA GLU A 108 6.78 9.19 6.64
C GLU A 108 6.13 8.03 7.40
N ASP A 109 6.74 7.62 8.52
CA ASP A 109 6.20 6.58 9.38
CA ASP A 109 6.17 6.57 9.36
C ASP A 109 4.80 6.97 9.87
N ARG A 110 4.68 8.21 10.38
CA ARG A 110 3.39 8.71 10.87
C ARG A 110 2.37 8.82 9.73
N VAL A 111 2.79 9.36 8.59
CA VAL A 111 1.93 9.45 7.42
C VAL A 111 1.37 8.06 7.06
N GLY A 112 2.19 7.03 7.20
CA GLY A 112 1.75 5.65 6.97
C GLY A 112 0.59 5.21 7.86
N TRP A 113 0.58 5.65 9.11
CA TRP A 113 -0.52 5.33 10.03
C TRP A 113 -1.82 5.89 9.48
N TYR A 114 -1.74 7.13 9.02
CA TYR A 114 -2.88 7.83 8.44
C TYR A 114 -3.32 7.15 7.14
N ALA A 115 -2.35 6.81 6.29
CA ALA A 115 -2.61 6.15 5.02
C ALA A 115 -3.37 4.84 5.21
N GLU A 116 -2.96 4.05 6.21
CA GLU A 116 -3.58 2.75 6.48
C GLU A 116 -5.05 2.84 6.88
N ARG A 117 -5.47 4.00 7.40
CA ARG A 117 -6.85 4.23 7.85
CA ARG A 117 -6.86 4.20 7.83
C ARG A 117 -7.63 5.15 6.91
N GLY A 118 -7.09 5.36 5.72
CA GLY A 118 -7.77 6.10 4.67
C GLY A 118 -7.81 7.61 4.83
N TYR A 119 -6.89 8.15 5.62
CA TYR A 119 -6.80 9.60 5.82
C TYR A 119 -6.04 10.27 4.68
N LYS A 120 -6.36 11.54 4.45
CA LYS A 120 -5.52 12.40 3.63
C LYS A 120 -4.77 13.36 4.56
N VAL A 121 -3.55 13.69 4.19
CA VAL A 121 -2.62 14.42 5.07
C VAL A 121 -2.24 15.76 4.45
N MET A 122 -2.31 16.82 5.25
CA MET A 122 -1.73 18.11 4.90
C MET A 122 -0.53 18.35 5.80
N LEU A 123 0.66 18.49 5.23
CA LEU A 123 1.85 18.76 6.01
C LEU A 123 1.95 20.27 6.23
N ASP A 124 2.08 20.67 7.49
CA ASP A 124 2.07 22.07 7.92
C ASP A 124 3.46 22.47 8.43
N MET A 125 4.15 23.34 7.71
CA MET A 125 5.44 23.88 8.18
C MET A 125 5.12 24.89 9.27
N HIS A 126 5.13 24.40 10.51
CA HIS A 126 4.54 25.14 11.61
C HIS A 126 5.56 25.98 12.35
N GLN A 127 5.14 27.18 12.73
CA GLN A 127 5.90 28.04 13.61
C GLN A 127 4.94 28.84 14.47
N ASP A 128 5.38 29.17 15.68
CA ASP A 128 4.76 30.26 16.45
C ASP A 128 5.89 31.07 17.04
N VAL A 129 5.81 32.38 16.89
CA VAL A 129 6.83 33.30 17.42
C VAL A 129 8.22 32.95 16.87
N TYR A 130 8.23 32.54 15.59
CA TYR A 130 9.43 32.31 14.79
C TYR A 130 10.21 31.03 15.09
N SER A 131 10.67 30.89 16.34
CA SER A 131 11.59 29.82 16.70
C SER A 131 11.64 29.62 18.21
N GLY A 132 12.03 28.42 18.63
CA GLY A 132 12.35 28.17 20.02
C GLY A 132 13.57 28.96 20.48
N ALA A 133 14.40 29.39 19.53
CA ALA A 133 15.65 30.11 19.83
C ALA A 133 15.46 31.59 20.24
N ILE A 134 14.23 32.04 20.41
CA ILE A 134 13.98 33.44 20.79
C ILE A 134 14.29 33.75 22.26
N THR A 135 14.40 32.71 23.08
CA THR A 135 14.87 32.86 24.47
C THR A 135 15.84 31.73 24.79
N PRO A 136 16.84 31.98 25.66
CA PRO A 136 17.80 30.92 25.99
C PRO A 136 17.20 29.72 26.74
N ALA A 146 11.17 26.62 23.46
CA ALA A 146 10.70 27.05 24.77
C ALA A 146 9.39 27.85 24.66
N ILE A 147 9.47 29.08 24.17
CA ILE A 147 8.29 29.92 23.96
C ILE A 147 7.80 29.76 22.53
N GLY A 148 8.69 30.00 21.58
CA GLY A 148 8.38 29.83 20.19
C GLY A 148 8.75 28.46 19.66
N ASN A 149 8.51 28.28 18.37
CA ASN A 149 8.86 27.06 17.67
C ASN A 149 8.92 27.34 16.19
N GLY A 150 9.71 26.55 15.47
CA GLY A 150 9.69 26.57 14.01
C GLY A 150 11.06 26.59 13.37
N ALA A 151 11.63 27.78 13.24
CA ALA A 151 12.88 27.96 12.53
C ALA A 151 14.05 27.38 13.33
N PRO A 152 15.08 26.88 12.63
CA PRO A 152 16.28 26.46 13.35
C PRO A 152 17.02 27.66 13.92
N ALA A 153 17.84 27.42 14.94
CA ALA A 153 18.60 28.48 15.58
C ALA A 153 19.50 29.23 14.59
N TRP A 154 20.05 28.53 13.61
CA TRP A 154 20.94 29.19 12.63
C TRP A 154 20.21 30.22 11.78
N ALA A 155 18.89 30.08 11.63
CA ALA A 155 18.07 30.97 10.82
C ALA A 155 17.41 32.07 11.65
N THR A 156 17.75 32.13 12.94
CA THR A 156 17.15 33.08 13.87
C THR A 156 18.13 34.20 14.22
N TYR A 157 17.85 35.40 13.69
CA TYR A 157 18.72 36.56 13.85
C TYR A 157 17.98 37.69 14.58
N MET A 158 18.13 37.73 15.89
CA MET A 158 17.51 38.78 16.72
C MET A 158 18.43 39.97 16.93
N ASP A 159 19.70 39.83 16.52
CA ASP A 159 20.68 40.92 16.55
C ASP A 159 20.82 41.57 17.94
N GLY A 160 20.73 40.76 18.98
CA GLY A 160 20.90 41.21 20.36
C GLY A 160 19.73 41.94 20.97
N LEU A 161 18.64 42.10 20.23
CA LEU A 161 17.49 42.85 20.71
C LEU A 161 16.68 42.02 21.71
N PRO A 162 16.09 42.67 22.71
CA PRO A 162 15.49 41.94 23.83
C PRO A 162 14.22 41.16 23.50
N VAL A 163 13.99 40.10 24.26
CA VAL A 163 12.74 39.35 24.26
C VAL A 163 12.42 39.05 25.72
N GLU A 164 11.78 40.01 26.38
CA GLU A 164 11.48 39.89 27.81
C GLU A 164 10.18 39.13 28.03
N PRO A 165 10.05 38.46 29.20
CA PRO A 165 8.85 37.69 29.53
C PRO A 165 7.56 38.50 29.41
N GLN A 166 6.53 37.87 28.82
CA GLN A 166 5.24 38.52 28.61
C GLN A 166 4.12 37.70 29.26
N PRO A 167 3.01 38.35 29.64
CA PRO A 167 1.92 37.69 30.34
C PRO A 167 1.10 36.69 29.49
N ARG A 168 1.22 36.75 28.17
CA ARG A 168 0.66 35.71 27.31
C ARG A 168 1.54 35.51 26.09
N TRP A 169 1.57 34.30 25.56
CA TRP A 169 2.59 33.94 24.55
C TRP A 169 2.49 34.77 23.27
N GLU A 170 1.30 35.19 22.89
CA GLU A 170 1.12 35.93 21.64
C GLU A 170 1.87 37.26 21.66
N LEU A 171 2.01 37.84 22.86
CA LEU A 171 2.72 39.11 23.01
C LEU A 171 4.23 39.01 22.77
N TYR A 172 4.78 37.80 22.73
CA TYR A 172 6.19 37.64 22.35
C TYR A 172 6.43 38.08 20.90
N TYR A 173 5.40 37.97 20.06
CA TYR A 173 5.52 38.38 18.65
C TYR A 173 6.00 39.81 18.45
N ILE A 174 5.61 40.71 19.36
CA ILE A 174 5.91 42.13 19.19
C ILE A 174 7.15 42.59 19.98
N GLN A 175 7.86 41.66 20.61
CA GLN A 175 9.11 42.01 21.31
C GLN A 175 10.22 42.31 20.30
N PRO A 176 11.12 43.26 20.63
CA PRO A 176 12.13 43.72 19.69
C PRO A 176 12.91 42.61 18.99
N GLY A 177 13.37 41.62 19.75
CA GLY A 177 14.15 40.52 19.18
C GLY A 177 13.36 39.67 18.22
N VAL A 178 12.08 39.47 18.50
CA VAL A 178 11.23 38.65 17.64
C VAL A 178 10.85 39.41 16.37
N MET A 179 10.47 40.69 16.51
CA MET A 179 10.21 41.54 15.36
C MET A 179 11.42 41.58 14.43
N ARG A 180 12.62 41.63 15.00
CA ARG A 180 13.85 41.63 14.20
C ARG A 180 14.11 40.29 13.51
N ALA A 181 13.86 39.19 14.23
CA ALA A 181 13.99 37.85 13.64
C ALA A 181 13.11 37.72 12.39
N PHE A 182 11.87 38.22 12.49
CA PHE A 182 10.97 38.21 11.34
C PHE A 182 11.42 39.19 10.26
N ASP A 183 11.82 40.40 10.66
CA ASP A 183 12.30 41.39 9.70
C ASP A 183 13.52 40.87 8.92
N ASN A 184 14.38 40.11 9.59
CA ASN A 184 15.51 39.47 8.94
C ASN A 184 15.05 38.34 8.00
N PHE A 185 14.13 37.50 8.46
CA PHE A 185 13.61 36.43 7.62
C PHE A 185 12.99 36.95 6.31
N TRP A 186 12.13 37.97 6.42
CA TRP A 186 11.51 38.56 5.21
C TRP A 186 12.47 39.47 4.43
N ASN A 187 13.69 39.63 4.95
CA ASN A 187 14.70 40.53 4.39
C ASN A 187 14.26 41.99 4.33
N THR A 188 13.41 42.39 5.26
CA THR A 188 13.03 43.79 5.41
C THR A 188 14.26 44.61 5.82
N THR A 189 15.17 43.98 6.56
CA THR A 189 16.43 44.61 6.97
C THR A 189 17.46 44.69 5.85
N GLY A 190 17.28 43.90 4.79
CA GLY A 190 18.23 43.83 3.68
C GLY A 190 19.45 42.95 3.98
N LYS A 191 19.49 42.36 5.17
CA LYS A 191 20.67 41.66 5.65
C LYS A 191 20.66 40.14 5.41
N HIS A 192 19.49 39.59 5.07
CA HIS A 192 19.34 38.14 4.95
C HIS A 192 18.47 37.67 3.79
N PRO A 193 18.88 37.97 2.56
CA PRO A 193 18.15 37.48 1.38
C PRO A 193 18.14 35.95 1.29
N GLU A 194 19.09 35.29 1.95
CA GLU A 194 19.23 33.84 1.88
C GLU A 194 18.12 33.08 2.60
N LEU A 195 17.48 33.70 3.59
CA LEU A 195 16.59 32.96 4.47
C LEU A 195 15.34 32.40 3.77
N VAL A 196 14.67 33.21 2.96
CA VAL A 196 13.51 32.72 2.19
C VAL A 196 13.95 31.66 1.17
N GLU A 197 15.14 31.83 0.59
CA GLU A 197 15.69 30.83 -0.34
C GLU A 197 15.89 29.47 0.35
N HIS A 198 16.44 29.48 1.57
CA HIS A 198 16.59 28.26 2.38
C HIS A 198 15.23 27.63 2.68
N TYR A 199 14.27 28.47 3.03
CA TYR A 199 12.93 28.02 3.37
C TYR A 199 12.28 27.29 2.20
N ALA A 200 12.34 27.89 1.01
CA ALA A 200 11.82 27.27 -0.20
C ALA A 200 12.47 25.91 -0.48
N LYS A 201 13.79 25.85 -0.34
CA LYS A 201 14.51 24.59 -0.62
C LYS A 201 14.31 23.52 0.46
N ALA A 202 14.04 23.96 1.70
CA ALA A 202 13.65 23.03 2.75
C ALA A 202 12.29 22.40 2.41
N TRP A 203 11.37 23.21 1.92
CA TRP A 203 10.09 22.69 1.42
C TRP A 203 10.26 21.75 0.23
N ARG A 204 11.18 22.09 -0.67
CA ARG A 204 11.50 21.20 -1.81
C ARG A 204 11.97 19.83 -1.31
N ALA A 205 12.78 19.80 -0.24
CA ALA A 205 13.27 18.55 0.32
C ALA A 205 12.11 17.70 0.86
N VAL A 206 11.17 18.36 1.54
CA VAL A 206 9.98 17.66 2.03
C VAL A 206 9.15 17.14 0.86
N ALA A 207 8.92 17.99 -0.14
CA ALA A 207 8.14 17.60 -1.29
C ALA A 207 8.79 16.45 -2.08
N ASP A 208 10.12 16.43 -2.12
CA ASP A 208 10.84 15.37 -2.82
C ASP A 208 10.54 14.02 -2.16
N ARG A 209 10.46 14.01 -0.83
CA ARG A 209 10.15 12.78 -0.10
C ARG A 209 8.71 12.32 -0.27
N PHE A 210 7.78 13.27 -0.33
CA PHE A 210 6.37 12.94 -0.28
C PHE A 210 5.62 13.03 -1.60
N ALA A 211 6.33 13.36 -2.68
CA ALA A 211 5.69 13.50 -3.99
C ALA A 211 4.91 12.26 -4.40
N ASP A 212 5.45 11.08 -4.11
CA ASP A 212 4.80 9.82 -4.51
C ASP A 212 4.01 9.17 -3.38
N ASN A 213 3.69 9.94 -2.34
CA ASN A 213 2.93 9.43 -1.22
C ASN A 213 1.44 9.67 -1.44
N ASP A 214 0.70 8.58 -1.63
CA ASP A 214 -0.71 8.64 -2.00
C ASP A 214 -1.63 9.19 -0.89
N ALA A 215 -1.12 9.30 0.34
CA ALA A 215 -1.92 9.82 1.45
C ALA A 215 -1.78 11.33 1.62
N VAL A 216 -0.70 11.91 1.09
CA VAL A 216 -0.47 13.35 1.23
C VAL A 216 -1.18 14.10 0.09
N VAL A 217 -2.04 15.06 0.46
CA VAL A 217 -2.81 15.82 -0.52
CA VAL A 217 -2.79 15.83 -0.54
C VAL A 217 -2.44 17.30 -0.56
N ALA A 218 -1.79 17.81 0.50
CA ALA A 218 -1.54 19.23 0.60
C ALA A 218 -0.30 19.59 1.41
N TYR A 219 0.30 20.72 1.04
CA TYR A 219 1.41 21.33 1.77
C TYR A 219 0.97 22.72 2.21
N ASP A 220 0.88 22.93 3.52
CA ASP A 220 0.52 24.23 4.09
C ASP A 220 1.83 24.96 4.34
N LEU A 221 2.14 25.95 3.49
CA LEU A 221 3.51 26.47 3.40
C LEU A 221 4.04 27.16 4.64
N MET A 222 3.19 27.90 5.34
CA MET A 222 3.61 28.56 6.57
C MET A 222 2.44 28.78 7.51
N ASN A 223 2.56 28.26 8.74
CA ASN A 223 1.57 28.55 9.76
C ASN A 223 1.61 30.01 10.16
N GLU A 224 0.44 30.62 10.17
CA GLU A 224 0.21 31.97 10.72
C GLU A 224 1.34 32.96 10.44
N PRO A 225 1.52 33.28 9.15
CA PRO A 225 2.55 34.24 8.77
C PRO A 225 2.46 35.54 9.57
N PHE A 226 3.61 36.01 10.04
CA PHE A 226 3.70 37.26 10.80
C PHE A 226 4.77 38.12 10.14
N GLY A 227 4.42 39.37 9.86
CA GLY A 227 5.28 40.24 9.06
C GLY A 227 6.25 41.13 9.81
N GLY A 228 6.28 41.03 11.13
CA GLY A 228 7.14 41.89 11.95
C GLY A 228 6.74 43.35 11.78
N SER A 229 7.66 44.18 11.32
CA SER A 229 7.40 45.61 11.14
CA SER A 229 7.39 45.62 11.15
C SER A 229 6.52 45.91 9.92
N LEU A 230 6.30 44.88 9.09
CA LEU A 230 5.38 44.98 7.95
C LEU A 230 4.06 44.31 8.32
N GLN A 231 2.94 45.00 8.13
CA GLN A 231 1.62 44.45 8.46
C GLN A 231 0.60 44.87 7.41
N GLY A 232 -0.38 44.02 7.15
CA GLY A 232 -1.42 44.32 6.18
C GLY A 232 -0.95 44.03 4.76
N PRO A 233 -1.61 44.62 3.75
CA PRO A 233 -1.26 44.41 2.34
C PRO A 233 0.23 44.58 1.99
N ALA A 234 0.90 45.55 2.61
CA ALA A 234 2.34 45.75 2.38
C ALA A 234 3.14 44.49 2.71
N PHE A 235 2.66 43.72 3.67
CA PHE A 235 3.28 42.44 4.01
C PHE A 235 2.76 41.34 3.09
N GLU A 236 1.44 41.18 3.04
CA GLU A 236 0.83 40.05 2.37
C GLU A 236 1.06 40.03 0.86
N ALA A 237 0.97 41.20 0.23
CA ALA A 237 1.20 41.31 -1.21
C ALA A 237 2.66 41.52 -1.55
N GLY A 238 3.49 41.75 -0.54
CA GLY A 238 4.92 41.94 -0.73
C GLY A 238 5.68 40.66 -0.44
N PRO A 239 6.46 40.62 0.64
CA PRO A 239 7.31 39.45 0.89
C PRO A 239 6.58 38.14 1.14
N LEU A 240 5.35 38.18 1.68
CA LEU A 240 4.63 36.95 1.94
C LEU A 240 4.29 36.27 0.62
N ALA A 241 3.64 36.99 -0.29
CA ALA A 241 3.32 36.46 -1.61
C ALA A 241 4.58 36.03 -2.36
N ALA A 242 5.66 36.79 -2.21
CA ALA A 242 6.93 36.46 -2.88
C ALA A 242 7.51 35.14 -2.37
N MET A 243 7.44 34.92 -1.05
CA MET A 243 7.93 33.66 -0.48
C MET A 243 7.07 32.49 -0.94
N TYR A 244 5.76 32.68 -0.95
CA TYR A 244 4.85 31.64 -1.44
C TYR A 244 5.15 31.26 -2.89
N GLN A 245 5.43 32.26 -3.72
CA GLN A 245 5.75 32.00 -5.12
C GLN A 245 7.06 31.22 -5.25
N ARG A 246 8.09 31.66 -4.52
CA ARG A 246 9.38 30.99 -4.58
C ARG A 246 9.29 29.55 -4.09
N THR A 247 8.51 29.35 -3.02
CA THR A 247 8.37 28.05 -2.40
C THR A 247 7.53 27.10 -3.26
N THR A 248 6.44 27.63 -3.83
CA THR A 248 5.64 26.87 -4.80
C THR A 248 6.50 26.42 -5.96
N ASP A 249 7.29 27.34 -6.51
CA ASP A 249 8.17 27.04 -7.63
C ASP A 249 9.18 25.94 -7.27
N ALA A 250 9.75 26.02 -6.07
CA ALA A 250 10.71 25.03 -5.59
C ALA A 250 10.06 23.67 -5.43
N ILE A 251 8.89 23.65 -4.79
CA ILE A 251 8.14 22.41 -4.63
C ILE A 251 7.81 21.77 -5.98
N ARG A 252 7.45 22.60 -6.95
CA ARG A 252 7.06 22.11 -8.28
C ARG A 252 8.23 21.60 -9.14
N GLN A 253 9.45 21.74 -8.64
CA GLN A 253 10.60 21.06 -9.25
C GLN A 253 10.57 19.55 -9.01
N VAL A 254 9.90 19.12 -7.95
CA VAL A 254 9.91 17.71 -7.52
C VAL A 254 8.54 17.08 -7.29
N ASP A 255 7.49 17.91 -7.20
CA ASP A 255 6.14 17.42 -6.91
C ASP A 255 5.17 18.29 -7.69
N GLN A 256 4.51 17.70 -8.69
CA GLN A 256 3.63 18.44 -9.58
CA GLN A 256 3.64 18.47 -9.56
C GLN A 256 2.16 18.40 -9.16
N ASP A 257 1.79 17.46 -8.30
CA ASP A 257 0.37 17.17 -8.04
C ASP A 257 -0.19 17.52 -6.66
N THR A 258 0.66 17.66 -5.65
CA THR A 258 0.17 17.99 -4.32
C THR A 258 -0.33 19.42 -4.30
N TRP A 259 -1.44 19.67 -3.61
CA TRP A 259 -1.98 21.03 -3.48
CA TRP A 259 -1.96 21.03 -3.49
C TRP A 259 -1.05 21.86 -2.60
N VAL A 260 -0.79 23.09 -3.03
CA VAL A 260 0.00 24.01 -2.25
C VAL A 260 -0.99 24.95 -1.60
N CYS A 261 -0.99 24.96 -0.26
CA CYS A 261 -1.94 25.76 0.49
CA CYS A 261 -1.96 25.76 0.49
C CYS A 261 -1.26 26.97 1.10
N VAL A 262 -1.87 28.13 0.89
CA VAL A 262 -1.33 29.40 1.34
C VAL A 262 -2.29 30.08 2.33
N ALA A 263 -1.71 30.72 3.33
CA ALA A 263 -2.45 31.38 4.39
C ALA A 263 -2.28 32.89 4.29
N PRO A 264 -3.28 33.65 4.78
CA PRO A 264 -3.08 35.09 4.92
C PRO A 264 -2.22 35.32 6.16
N GLN A 265 -1.83 36.56 6.41
CA GLN A 265 -1.27 36.86 7.73
C GLN A 265 -2.33 36.53 8.77
N ALA A 266 -1.91 36.09 9.95
CA ALA A 266 -2.83 35.64 10.97
C ALA A 266 -3.43 36.81 11.74
N ILE A 267 -2.58 37.74 12.17
CA ILE A 267 -3.08 38.81 13.04
C ILE A 267 -4.08 39.65 12.24
N GLY A 268 -5.24 39.88 12.84
CA GLY A 268 -6.31 40.60 12.17
C GLY A 268 -7.21 39.71 11.31
N VAL A 269 -6.62 39.01 10.36
CA VAL A 269 -7.39 38.14 9.46
C VAL A 269 -8.02 36.95 10.23
N ASN A 270 -7.30 36.39 11.21
CA ASN A 270 -7.88 35.38 12.11
C ASN A 270 -9.16 35.86 12.80
N GLN A 271 -9.22 37.17 13.03
CA GLN A 271 -10.31 37.80 13.77
C GLN A 271 -11.43 38.35 12.87
N GLY A 272 -11.31 38.14 11.56
CA GLY A 272 -12.35 38.52 10.61
C GLY A 272 -12.05 39.74 9.74
N LEU A 273 -10.83 40.25 9.78
CA LEU A 273 -10.43 41.35 8.88
C LEU A 273 -10.04 40.80 7.50
N PRO A 274 -10.13 41.65 6.47
CA PRO A 274 -9.71 41.22 5.13
C PRO A 274 -8.21 40.99 4.98
N SER A 275 -7.86 40.08 4.06
CA SER A 275 -6.49 39.82 3.68
C SER A 275 -6.15 40.56 2.38
N GLY A 276 -4.91 41.02 2.29
CA GLY A 276 -4.38 41.60 1.06
C GLY A 276 -3.54 40.63 0.24
N LEU A 277 -3.62 39.33 0.54
CA LEU A 277 -2.85 38.33 -0.20
C LEU A 277 -3.26 38.34 -1.67
N THR A 278 -2.26 38.19 -2.53
CA THR A 278 -2.44 38.23 -3.97
C THR A 278 -2.23 36.84 -4.59
N LYS A 279 -2.63 36.70 -5.85
CA LYS A 279 -2.62 35.41 -6.54
C LYS A 279 -1.21 34.81 -6.68
N ILE A 280 -1.12 33.52 -6.41
CA ILE A 280 0.12 32.77 -6.55
C ILE A 280 0.00 31.93 -7.83
N ASP A 281 1.06 31.94 -8.63
CA ASP A 281 1.08 31.16 -9.88
C ASP A 281 1.50 29.73 -9.60
N ASP A 282 0.80 28.79 -10.21
CA ASP A 282 1.18 27.39 -10.12
C ASP A 282 1.75 26.96 -11.47
N PRO A 283 3.06 26.63 -11.51
CA PRO A 283 3.68 26.25 -12.78
C PRO A 283 3.33 24.84 -13.27
N ARG A 284 2.56 24.06 -12.51
CA ARG A 284 2.19 22.72 -12.95
C ARG A 284 1.44 22.74 -14.27
N ALA A 285 1.68 21.72 -15.10
CA ALA A 285 0.91 21.55 -16.34
C ALA A 285 -0.53 21.22 -15.96
N GLY A 286 -1.47 21.88 -16.63
CA GLY A 286 -2.89 21.69 -16.35
C GLY A 286 -3.39 22.71 -15.35
N GLN A 287 -4.48 22.38 -14.67
CA GLN A 287 -5.16 23.30 -13.77
C GLN A 287 -4.34 23.58 -12.53
N GLN A 288 -4.46 24.81 -12.03
CA GLN A 288 -3.81 25.25 -10.80
CA GLN A 288 -3.74 25.20 -10.81
C GLN A 288 -4.21 24.36 -9.62
N ARG A 289 -3.27 24.06 -8.73
CA ARG A 289 -3.57 23.35 -7.48
C ARG A 289 -3.03 24.14 -6.29
N ILE A 290 -3.61 25.33 -6.12
CA ILE A 290 -3.39 26.18 -4.95
C ILE A 290 -4.67 26.14 -4.14
N ALA A 291 -4.55 26.06 -2.82
CA ALA A 291 -5.71 26.17 -1.95
C ALA A 291 -5.46 27.25 -0.90
N TYR A 292 -6.54 27.72 -0.28
CA TYR A 292 -6.45 28.80 0.70
C TYR A 292 -6.73 28.21 2.08
N CYS A 293 -5.81 28.41 3.03
CA CYS A 293 -5.94 27.78 4.35
CA CYS A 293 -5.87 27.78 4.35
C CYS A 293 -5.89 28.78 5.51
N PRO A 294 -6.91 29.64 5.60
CA PRO A 294 -6.99 30.59 6.71
C PRO A 294 -7.39 29.92 8.02
N HIS A 295 -7.23 30.65 9.12
CA HIS A 295 -7.69 30.22 10.44
C HIS A 295 -8.80 31.14 10.92
N LEU A 296 -9.52 30.70 11.96
CA LEU A 296 -10.63 31.46 12.51
C LEU A 296 -10.53 31.46 14.02
N TYR A 297 -10.27 32.64 14.58
CA TYR A 297 -10.14 32.82 16.02
C TYR A 297 -10.81 34.13 16.48
N PRO A 298 -12.14 34.12 16.64
CA PRO A 298 -12.89 35.31 17.04
C PRO A 298 -12.37 35.93 18.33
N LEU A 299 -12.31 37.26 18.35
CA LEU A 299 -11.80 38.00 19.51
C LEU A 299 -12.47 37.69 20.84
N PRO A 300 -13.82 37.61 20.88
CA PRO A 300 -14.46 37.36 22.18
C PRO A 300 -14.03 36.05 22.83
N LEU A 301 -13.68 35.06 22.03
CA LEU A 301 -13.17 33.79 22.56
C LEU A 301 -11.68 33.94 22.87
N HIS A 307 -19.29 31.93 25.01
CA HIS A 307 -20.12 32.17 23.84
C HIS A 307 -21.58 32.42 24.24
N GLU A 308 -21.80 33.56 24.90
CA GLU A 308 -23.13 33.98 25.35
C GLU A 308 -23.22 35.50 25.43
N GLY A 309 -24.44 36.02 25.43
CA GLY A 309 -24.68 37.46 25.52
C GLY A 309 -24.09 38.23 24.34
N LEU A 310 -23.57 39.42 24.61
CA LEU A 310 -22.98 40.26 23.56
C LEU A 310 -21.76 39.58 22.92
N ALA A 311 -21.00 38.84 23.73
CA ALA A 311 -19.85 38.07 23.21
C ALA A 311 -20.29 37.14 22.09
N ARG A 312 -21.44 36.50 22.26
CA ARG A 312 -21.99 35.60 21.24
C ARG A 312 -22.33 36.35 19.94
N THR A 313 -22.96 37.51 20.09
CA THR A 313 -23.29 38.35 18.94
C THR A 313 -22.02 38.76 18.18
N LEU A 314 -21.00 39.18 18.94
CA LEU A 314 -19.73 39.57 18.34
C LEU A 314 -19.08 38.41 17.60
N THR A 315 -19.12 37.22 18.18
CA THR A 315 -18.55 36.02 17.54
C THR A 315 -19.36 35.63 16.30
N ASP A 316 -20.68 35.72 16.37
CA ASP A 316 -21.52 35.40 15.20
C ASP A 316 -21.26 36.34 14.02
N VAL A 317 -21.13 37.63 14.26
CA VAL A 317 -20.83 38.56 13.16
C VAL A 317 -19.38 38.40 12.67
N THR A 318 -18.48 37.99 13.57
CA THR A 318 -17.10 37.64 13.16
C THR A 318 -17.10 36.51 12.13
N ILE A 319 -17.91 35.48 12.37
CA ILE A 319 -18.03 34.37 11.42
C ILE A 319 -18.54 34.90 10.08
N ASP A 320 -19.53 35.80 10.11
CA ASP A 320 -20.06 36.40 8.87
C ASP A 320 -18.98 37.15 8.11
N ALA A 321 -18.23 38.01 8.81
CA ALA A 321 -17.13 38.76 8.20
C ALA A 321 -16.05 37.81 7.66
N TRP A 322 -15.65 36.86 8.49
CA TRP A 322 -14.64 35.88 8.10
C TRP A 322 -15.04 35.13 6.83
N ARG A 323 -16.30 34.71 6.75
CA ARG A 323 -16.79 34.00 5.58
C ARG A 323 -16.68 34.86 4.32
N ALA A 324 -17.16 36.10 4.42
CA ALA A 324 -17.13 37.03 3.28
C ALA A 324 -15.70 37.29 2.80
N ASN A 325 -14.80 37.54 3.74
CA ASN A 325 -13.40 37.79 3.40
C ASN A 325 -12.71 36.55 2.83
N THR A 326 -12.94 35.41 3.45
CA THR A 326 -12.33 34.16 2.99
C THR A 326 -12.76 33.84 1.56
N ALA A 327 -14.06 33.98 1.30
CA ALA A 327 -14.59 33.77 -0.04
C ALA A 327 -13.93 34.72 -1.06
N HIS A 328 -13.78 35.98 -0.68
CA HIS A 328 -13.14 36.96 -1.57
C HIS A 328 -11.71 36.58 -1.94
N THR A 329 -10.89 36.27 -0.93
CA THR A 329 -9.50 35.94 -1.19
C THR A 329 -9.38 34.62 -1.95
N ALA A 330 -10.25 33.65 -1.67
CA ALA A 330 -10.27 32.41 -2.45
C ALA A 330 -10.54 32.70 -3.94
N ARG A 331 -11.37 33.71 -4.21
CA ARG A 331 -11.58 34.16 -5.60
C ARG A 331 -10.32 34.80 -6.18
N VAL A 332 -9.71 35.72 -5.43
CA VAL A 332 -8.48 36.38 -5.86
C VAL A 332 -7.40 35.36 -6.24
N LEU A 333 -7.30 34.29 -5.47
CA LEU A 333 -6.27 33.26 -5.71
C LEU A 333 -6.56 32.37 -6.93
N GLY A 334 -7.76 32.50 -7.50
CA GLY A 334 -8.17 31.75 -8.69
C GLY A 334 -9.33 30.80 -8.45
N ASP A 335 -10.33 31.25 -7.67
CA ASP A 335 -11.49 30.44 -7.32
C ASP A 335 -11.06 29.10 -6.74
N VAL A 336 -10.25 29.18 -5.69
CA VAL A 336 -9.57 28.00 -5.15
C VAL A 336 -10.34 27.32 -4.03
N PRO A 337 -10.02 26.05 -3.74
CA PRO A 337 -10.59 25.39 -2.57
C PRO A 337 -10.14 26.03 -1.26
N ILE A 338 -10.99 25.89 -0.25
CA ILE A 338 -10.72 26.46 1.07
C ILE A 338 -10.56 25.33 2.08
N ILE A 339 -9.55 25.46 2.93
CA ILE A 339 -9.42 24.59 4.10
C ILE A 339 -9.34 25.51 5.31
N LEU A 340 -10.27 25.34 6.25
CA LEU A 340 -10.18 26.01 7.53
C LEU A 340 -9.12 25.25 8.32
N GLY A 341 -7.88 25.73 8.25
CA GLY A 341 -6.75 25.01 8.81
C GLY A 341 -6.70 24.93 10.32
N GLU A 342 -7.31 25.92 10.98
CA GLU A 342 -7.47 25.90 12.42
C GLU A 342 -8.69 26.70 12.84
N PHE A 343 -9.42 26.14 13.79
CA PHE A 343 -10.28 26.90 14.69
C PHE A 343 -10.41 26.01 15.92
N GLY A 344 -10.82 26.59 17.05
CA GLY A 344 -10.93 25.81 18.27
C GLY A 344 -11.15 26.68 19.49
N LEU A 345 -11.64 26.05 20.56
CA LEU A 345 -11.85 26.75 21.82
C LEU A 345 -11.95 25.76 22.96
N ASP A 346 -11.94 26.29 24.17
CA ASP A 346 -12.19 25.52 25.38
C ASP A 346 -13.64 25.04 25.32
N THR A 347 -13.82 23.72 25.14
CA THR A 347 -15.14 23.12 24.97
C THR A 347 -15.99 23.14 26.24
N THR A 348 -15.38 23.54 27.36
CA THR A 348 -16.09 23.64 28.63
C THR A 348 -16.71 25.02 28.84
N LEU A 349 -16.51 25.93 27.88
CA LEU A 349 -17.14 27.24 27.92
C LEU A 349 -18.61 27.11 27.53
N PRO A 350 -19.52 27.72 28.32
CA PRO A 350 -20.92 27.73 27.89
C PRO A 350 -21.08 28.27 26.48
N GLY A 351 -21.91 27.61 25.68
CA GLY A 351 -22.14 27.98 24.29
C GLY A 351 -21.16 27.39 23.29
N ALA A 352 -20.17 26.64 23.77
CA ALA A 352 -19.13 26.09 22.89
C ALA A 352 -19.71 25.21 21.79
N ARG A 353 -20.68 24.35 22.13
CA ARG A 353 -21.27 23.46 21.13
C ARG A 353 -21.94 24.25 20.00
N ASP A 354 -22.69 25.28 20.37
CA ASP A 354 -23.35 26.12 19.35
C ASP A 354 -22.33 26.79 18.42
N TYR A 355 -21.23 27.28 19.00
CA TYR A 355 -20.16 27.87 18.19
C TYR A 355 -19.56 26.84 17.23
N ILE A 356 -19.18 25.69 17.77
CA ILE A 356 -18.58 24.64 16.97
C ILE A 356 -19.53 24.22 15.85
N GLU A 357 -20.80 24.03 16.17
CA GLU A 357 -21.75 23.59 15.15
C GLU A 357 -21.97 24.66 14.08
N ARG A 358 -21.97 25.93 14.46
CA ARG A 358 -22.08 27.01 13.48
C ARG A 358 -20.87 27.05 12.56
N VAL A 359 -19.68 26.89 13.12
CA VAL A 359 -18.47 26.88 12.31
C VAL A 359 -18.49 25.71 11.31
N TYR A 360 -18.83 24.52 11.77
CA TYR A 360 -18.90 23.38 10.85
C TYR A 360 -19.99 23.54 9.80
N GLY A 361 -21.11 24.16 10.16
CA GLY A 361 -22.17 24.44 9.18
C GLY A 361 -21.72 25.45 8.14
N THR A 362 -20.98 26.46 8.59
CA THR A 362 -20.41 27.47 7.70
C THR A 362 -19.40 26.82 6.77
N ALA A 363 -18.51 25.98 7.32
CA ALA A 363 -17.52 25.25 6.50
C ALA A 363 -18.23 24.41 5.45
N ARG A 364 -19.28 23.71 5.85
CA ARG A 364 -20.06 22.89 4.91
C ARG A 364 -20.61 23.73 3.75
N GLU A 365 -21.24 24.86 4.08
CA GLU A 365 -21.80 25.75 3.05
C GLU A 365 -20.73 26.32 2.11
N MET A 366 -19.53 26.55 2.64
CA MET A 366 -18.42 27.07 1.86
C MET A 366 -17.63 26.00 1.10
N GLY A 367 -17.99 24.73 1.27
CA GLY A 367 -17.24 23.64 0.67
C GLY A 367 -15.83 23.53 1.21
N ALA A 368 -15.66 23.88 2.49
CA ALA A 368 -14.33 23.95 3.10
C ALA A 368 -14.00 22.68 3.86
N GLY A 369 -12.73 22.31 3.83
CA GLY A 369 -12.22 21.31 4.76
C GLY A 369 -12.01 21.95 6.13
N VAL A 370 -11.83 21.12 7.15
CA VAL A 370 -11.62 21.60 8.51
C VAL A 370 -10.62 20.71 9.22
N SER A 371 -9.58 21.32 9.78
CA SER A 371 -8.74 20.66 10.78
C SER A 371 -8.85 21.47 12.08
N TYR A 372 -9.51 20.87 13.06
CA TYR A 372 -9.75 21.48 14.36
C TYR A 372 -8.43 21.61 15.14
N TRP A 373 -8.24 22.72 15.84
CA TRP A 373 -7.08 22.90 16.74
C TRP A 373 -7.48 22.51 18.18
N SER A 374 -7.06 21.36 18.71
CA SER A 374 -6.18 20.37 18.08
C SER A 374 -6.46 19.02 18.74
N SER A 375 -5.71 17.99 18.34
CA SER A 375 -5.86 16.67 18.96
C SER A 375 -5.19 16.60 20.34
N ASP A 376 -4.43 17.63 20.71
CA ASP A 376 -3.69 17.61 21.97
C ASP A 376 -4.62 17.43 23.17
N PRO A 377 -4.17 16.68 24.19
CA PRO A 377 -5.00 16.45 25.37
C PRO A 377 -5.32 17.73 26.13
N GLY A 378 -6.57 17.87 26.56
CA GLY A 378 -7.04 19.07 27.25
C GLY A 378 -8.46 19.47 26.85
N PRO A 379 -9.02 20.49 27.52
CA PRO A 379 -10.40 20.90 27.30
C PRO A 379 -10.71 21.46 25.90
N TRP A 380 -9.70 21.89 25.15
CA TRP A 380 -9.90 22.28 23.75
C TRP A 380 -10.11 21.08 22.85
N GLY A 381 -9.50 19.95 23.21
CA GLY A 381 -9.39 18.80 22.33
C GLY A 381 -10.52 17.80 22.49
N PRO A 382 -10.44 16.69 21.73
CA PRO A 382 -11.44 15.64 21.84
C PRO A 382 -11.35 14.80 23.12
N TYR A 383 -10.18 14.77 23.76
CA TYR A 383 -9.99 14.00 24.99
C TYR A 383 -9.22 14.81 26.03
N LEU A 384 -9.62 14.65 27.29
CA LEU A 384 -8.84 15.18 28.40
C LEU A 384 -7.60 14.30 28.56
N PRO A 385 -6.59 14.77 29.32
CA PRO A 385 -5.35 13.99 29.50
C PRO A 385 -5.53 12.52 29.90
N ASP A 386 -6.52 12.21 30.73
CA ASP A 386 -6.75 10.81 31.15
C ASP A 386 -7.55 9.98 30.14
N GLY A 387 -7.92 10.58 29.01
CA GLY A 387 -8.59 9.86 27.94
C GLY A 387 -10.09 10.06 27.90
N THR A 388 -10.64 10.77 28.88
CA THR A 388 -12.07 11.04 28.92
C THR A 388 -12.47 11.95 27.75
N GLN A 389 -13.54 11.57 27.05
CA GLN A 389 -14.01 12.35 25.90
C GLN A 389 -14.58 13.68 26.36
N THR A 390 -14.27 14.74 25.61
CA THR A 390 -14.91 16.03 25.80
C THR A 390 -16.16 16.12 24.93
N LEU A 391 -16.84 17.26 25.03
CA LEU A 391 -17.97 17.62 24.17
C LEU A 391 -17.70 17.39 22.67
N LEU A 392 -16.43 17.51 22.29
CA LEU A 392 -16.08 17.49 20.88
C LEU A 392 -16.43 16.18 20.20
N VAL A 393 -16.27 15.06 20.89
CA VAL A 393 -16.47 13.76 20.24
C VAL A 393 -17.88 13.59 19.69
N ASP A 394 -18.89 13.76 20.54
CA ASP A 394 -20.28 13.62 20.08
C ASP A 394 -20.66 14.73 19.09
N THR A 395 -20.05 15.90 19.24
CA THR A 395 -20.35 17.02 18.33
C THR A 395 -19.82 16.76 16.91
N LEU A 396 -18.61 16.19 16.81
CA LEU A 396 -17.99 15.94 15.51
C LEU A 396 -18.42 14.62 14.89
N ASN A 397 -18.91 13.68 15.70
CA ASN A 397 -19.18 12.34 15.21
C ASN A 397 -20.53 12.29 14.51
N LYS A 398 -20.56 12.83 13.30
CA LYS A 398 -21.78 12.89 12.51
C LYS A 398 -21.51 12.35 11.12
N PRO A 399 -22.55 11.86 10.44
CA PRO A 399 -22.34 11.39 9.06
C PRO A 399 -21.83 12.51 8.18
N TYR A 400 -20.94 12.18 7.26
CA TYR A 400 -20.54 13.15 6.24
C TYR A 400 -20.05 12.43 4.98
N PRO A 401 -20.16 13.10 3.82
CA PRO A 401 -19.57 12.53 2.63
C PRO A 401 -18.08 12.78 2.66
N ARG A 402 -17.27 11.75 2.43
CA ARG A 402 -15.81 11.86 2.46
C ARG A 402 -15.23 12.21 1.09
N ALA A 403 -15.71 11.48 0.07
CA ALA A 403 -15.19 11.61 -1.28
C ALA A 403 -16.38 11.43 -2.22
N VAL A 404 -16.74 12.49 -2.94
CA VAL A 404 -17.97 12.52 -3.73
C VAL A 404 -17.67 12.38 -5.24
N ALA A 405 -18.42 11.50 -5.89
CA ALA A 405 -18.30 11.32 -7.34
C ALA A 405 -19.05 12.44 -8.06
N GLY A 406 -18.46 13.63 -8.01
CA GLY A 406 -19.10 14.85 -8.49
C GLY A 406 -18.96 15.95 -7.47
N THR A 407 -19.51 17.12 -7.80
CA THR A 407 -19.45 18.26 -6.91
C THR A 407 -20.64 18.20 -5.97
N PRO A 408 -20.38 18.18 -4.66
CA PRO A 408 -21.50 18.28 -3.73
C PRO A 408 -22.05 19.70 -3.76
N THR A 409 -23.34 19.85 -4.06
CA THR A 409 -23.96 21.17 -4.15
C THR A 409 -24.56 21.58 -2.81
N GLU A 410 -25.06 20.60 -2.07
CA GLU A 410 -25.52 20.81 -0.71
C GLU A 410 -25.65 19.47 -0.01
N TRP A 411 -25.46 19.48 1.31
CA TRP A 411 -25.71 18.28 2.10
C TRP A 411 -26.08 18.67 3.52
N SER A 412 -26.59 17.68 4.25
CA SER A 412 -26.97 17.86 5.64
C SER A 412 -26.82 16.53 6.33
N SER A 413 -26.60 16.56 7.64
CA SER A 413 -26.64 15.34 8.40
C SER A 413 -27.05 15.57 9.85
N THR A 414 -27.63 14.51 10.41
CA THR A 414 -27.95 14.41 11.82
C THR A 414 -27.39 13.07 12.28
N SER A 415 -27.57 12.74 13.54
CA SER A 415 -27.04 11.48 14.09
CA SER A 415 -27.06 11.48 14.10
C SER A 415 -27.50 10.25 13.31
N ASP A 416 -28.71 10.29 12.74
CA ASP A 416 -29.26 9.13 12.01
C ASP A 416 -29.78 9.45 10.61
N ARG A 417 -29.19 10.44 9.95
CA ARG A 417 -29.59 10.78 8.61
C ARG A 417 -28.50 11.57 7.89
N LEU A 418 -28.31 11.26 6.61
CA LEU A 418 -27.47 12.07 5.74
C LEU A 418 -28.22 12.29 4.44
N GLN A 419 -28.19 13.50 3.92
CA GLN A 419 -28.71 13.79 2.58
C GLN A 419 -27.66 14.58 1.83
N LEU A 420 -27.46 14.23 0.56
CA LEU A 420 -26.39 14.82 -0.25
C LEU A 420 -26.89 15.01 -1.66
N THR A 421 -26.68 16.19 -2.22
CA THR A 421 -26.98 16.43 -3.64
C THR A 421 -25.68 16.59 -4.41
N ILE A 422 -25.61 15.90 -5.55
CA ILE A 422 -24.40 15.78 -6.33
C ILE A 422 -24.61 16.29 -7.75
N GLU A 423 -23.75 17.20 -8.18
CA GLU A 423 -23.65 17.61 -9.58
C GLU A 423 -22.76 16.59 -10.28
N PRO A 424 -23.33 15.83 -11.23
CA PRO A 424 -22.66 14.64 -11.76
C PRO A 424 -21.42 14.92 -12.60
N ASP A 425 -20.56 13.91 -12.67
CA ASP A 425 -19.35 13.94 -13.48
C ASP A 425 -19.17 12.53 -14.04
N ALA A 426 -19.50 12.35 -15.32
CA ALA A 426 -19.51 11.03 -15.95
C ALA A 426 -18.12 10.38 -16.03
N ALA A 427 -17.07 11.20 -15.95
CA ALA A 427 -15.69 10.72 -16.00
C ALA A 427 -15.28 9.94 -14.76
N ILE A 428 -15.99 10.17 -13.64
CA ILE A 428 -15.66 9.51 -12.38
C ILE A 428 -16.32 8.15 -12.31
N THR A 429 -15.51 7.11 -12.13
CA THR A 429 -15.99 5.74 -12.02
C THR A 429 -15.98 5.21 -10.59
N ALA A 430 -15.25 5.88 -9.69
CA ALA A 430 -15.23 5.49 -8.29
C ALA A 430 -16.54 5.91 -7.60
N PRO A 431 -16.97 5.14 -6.58
CA PRO A 431 -18.23 5.44 -5.92
C PRO A 431 -18.11 6.62 -4.96
N THR A 432 -19.24 7.22 -4.61
CA THR A 432 -19.25 8.19 -3.54
C THR A 432 -19.07 7.45 -2.21
N GLU A 433 -18.21 7.98 -1.35
CA GLU A 433 -17.81 7.34 -0.11
C GLU A 433 -18.26 8.20 1.06
N ILE A 434 -18.96 7.59 2.01
CA ILE A 434 -19.65 8.30 3.08
C ILE A 434 -19.35 7.64 4.41
N TYR A 435 -19.13 8.45 5.45
CA TYR A 435 -18.96 7.96 6.82
C TYR A 435 -20.31 7.93 7.54
N LEU A 436 -20.65 6.81 8.16
CA LEU A 436 -21.86 6.71 8.99
C LEU A 436 -21.49 6.22 10.40
N PRO A 437 -21.76 7.02 11.44
CA PRO A 437 -21.46 6.57 12.80
C PRO A 437 -22.31 5.39 13.25
N GLU A 438 -21.72 4.49 14.05
CA GLU A 438 -22.45 3.31 14.52
C GLU A 438 -23.58 3.68 15.48
N ALA A 439 -23.42 4.79 16.20
CA ALA A 439 -24.45 5.25 17.14
C ALA A 439 -25.81 5.32 16.45
N GLY A 440 -25.86 6.00 15.31
CA GLY A 440 -27.11 6.18 14.58
C GLY A 440 -27.42 5.12 13.54
N PHE A 441 -26.39 4.39 13.11
CA PHE A 441 -26.53 3.36 12.09
C PHE A 441 -25.99 2.04 12.63
N PRO A 442 -26.71 1.42 13.57
CA PRO A 442 -26.24 0.22 14.26
C PRO A 442 -26.25 -1.06 13.41
N GLY A 443 -26.94 -1.05 12.27
CA GLY A 443 -27.05 -2.22 11.42
C GLY A 443 -26.83 -1.92 9.95
N ASP A 444 -27.83 -2.19 9.13
CA ASP A 444 -27.78 -1.98 7.69
C ASP A 444 -28.25 -0.56 7.37
N VAL A 445 -28.14 -0.17 6.10
CA VAL A 445 -28.55 1.14 5.65
C VAL A 445 -29.78 1.07 4.75
N HIS A 446 -30.52 2.17 4.70
CA HIS A 446 -31.55 2.38 3.70
C HIS A 446 -31.14 3.59 2.87
N VAL A 447 -30.99 3.39 1.58
CA VAL A 447 -30.49 4.43 0.68
C VAL A 447 -31.49 4.70 -0.44
N GLU A 448 -31.91 5.96 -0.55
CA GLU A 448 -32.75 6.41 -1.65
C GLU A 448 -31.95 7.32 -2.55
N GLY A 449 -32.09 7.14 -3.86
CA GLY A 449 -31.43 8.01 -4.84
C GLY A 449 -30.09 7.52 -5.33
N ALA A 450 -29.65 6.37 -4.80
CA ALA A 450 -28.40 5.76 -5.24
C ALA A 450 -28.44 4.25 -5.02
N ASP A 451 -27.56 3.53 -5.70
CA ASP A 451 -27.36 2.10 -5.48
C ASP A 451 -26.25 1.89 -4.46
N VAL A 452 -26.47 1.01 -3.49
CA VAL A 452 -25.41 0.67 -2.53
C VAL A 452 -24.39 -0.24 -3.22
N VAL A 453 -23.13 0.17 -3.18
CA VAL A 453 -22.02 -0.61 -3.72
C VAL A 453 -21.43 -1.48 -2.62
N GLY A 454 -21.22 -0.89 -1.45
CA GLY A 454 -20.72 -1.62 -0.30
C GLY A 454 -21.08 -0.89 0.97
N TRP A 455 -21.20 -1.63 2.06
CA TRP A 455 -21.41 -1.03 3.35
C TRP A 455 -20.53 -1.77 4.35
N ASP A 456 -19.44 -1.12 4.73
CA ASP A 456 -18.45 -1.69 5.62
C ASP A 456 -18.76 -1.23 7.03
N ARG A 457 -19.28 -2.15 7.84
CA ARG A 457 -19.76 -1.82 9.18
C ARG A 457 -18.63 -1.70 10.19
N GLN A 458 -17.43 -2.10 9.80
CA GLN A 458 -16.23 -1.99 10.63
CA GLN A 458 -16.26 -1.96 10.66
C GLN A 458 -15.52 -0.66 10.38
N SER A 459 -15.21 -0.37 9.12
CA SER A 459 -14.59 0.91 8.75
C SER A 459 -15.60 2.07 8.78
N ARG A 460 -16.88 1.74 8.75
CA ARG A 460 -17.98 2.71 8.77
C ARG A 460 -18.10 3.47 7.45
N LEU A 461 -17.61 2.86 6.38
CA LEU A 461 -17.66 3.47 5.05
C LEU A 461 -18.75 2.86 4.17
N LEU A 462 -19.69 3.70 3.78
CA LEU A 462 -20.73 3.37 2.80
C LEU A 462 -20.26 3.88 1.43
N THR A 463 -20.35 3.02 0.42
CA THR A 463 -20.05 3.43 -0.95
C THR A 463 -21.32 3.27 -1.77
N VAL A 464 -21.64 4.29 -2.55
CA VAL A 464 -22.85 4.30 -3.38
C VAL A 464 -22.53 4.75 -4.79
N ARG A 465 -23.43 4.39 -5.71
CA ARG A 465 -23.28 4.76 -7.11
C ARG A 465 -24.53 5.50 -7.59
N THR A 466 -24.30 6.59 -8.31
CA THR A 466 -25.38 7.42 -8.84
C THR A 466 -25.23 7.60 -10.36
N PRO A 467 -26.35 7.83 -11.05
CA PRO A 467 -26.26 8.14 -12.48
C PRO A 467 -25.61 9.49 -12.75
N ALA A 468 -24.94 9.60 -13.90
CA ALA A 468 -24.28 10.84 -14.30
C ALA A 468 -24.98 11.57 -15.45
N ASP A 469 -26.07 11.00 -15.97
CA ASP A 469 -26.75 11.55 -17.14
C ASP A 469 -28.18 12.00 -16.85
N SER A 470 -28.50 12.21 -15.57
CA SER A 470 -29.86 12.52 -15.14
C SER A 470 -29.92 13.80 -14.30
N GLY A 471 -28.96 14.71 -14.51
CA GLY A 471 -28.88 15.94 -13.74
C GLY A 471 -28.40 15.73 -12.31
N ASN A 472 -28.65 16.70 -11.45
CA ASN A 472 -28.21 16.62 -10.06
C ASN A 472 -28.99 15.52 -9.32
N VAL A 473 -28.27 14.73 -8.54
CA VAL A 473 -28.85 13.58 -7.87
C VAL A 473 -28.82 13.78 -6.36
N THR A 474 -29.94 13.53 -5.71
CA THR A 474 -30.04 13.61 -4.25
C THR A 474 -30.09 12.21 -3.63
N VAL A 475 -29.14 11.95 -2.75
CA VAL A 475 -28.99 10.67 -2.07
C VAL A 475 -29.37 10.87 -0.60
N THR A 476 -30.26 10.03 -0.09
CA THR A 476 -30.68 10.10 1.31
C THR A 476 -30.42 8.77 1.99
N VAL A 477 -29.71 8.82 3.11
CA VAL A 477 -29.26 7.63 3.83
C VAL A 477 -29.82 7.65 5.24
N THR A 478 -30.54 6.59 5.60
CA THR A 478 -31.15 6.43 6.93
C THR A 478 -30.90 5.00 7.41
N PRO A 479 -31.11 4.74 8.72
CA PRO A 479 -30.88 3.39 9.23
C PRO A 479 -31.94 2.41 8.72
N ALA A 480 -31.53 1.16 8.46
CA ALA A 480 -32.50 0.14 8.07
C ALA A 480 -33.49 -0.08 9.21
N ALA A 481 -34.71 -0.48 8.86
CA ALA A 481 -35.76 -0.69 9.85
C ALA A 481 -35.42 -1.81 10.83
N PRO B 34 -7.74 -29.41 3.43
CA PRO B 34 -6.47 -28.79 3.05
C PRO B 34 -6.03 -27.67 3.99
N SER B 35 -4.72 -27.44 4.03
CA SER B 35 -4.13 -26.34 4.78
C SER B 35 -3.72 -25.23 3.83
N TYR B 36 -3.78 -24.00 4.32
CA TYR B 36 -3.51 -22.83 3.49
C TYR B 36 -2.46 -21.93 4.12
N LEU B 37 -1.65 -21.30 3.27
CA LEU B 37 -0.87 -20.14 3.70
C LEU B 37 -1.85 -19.04 4.10
N LYS B 38 -1.47 -18.22 5.06
CA LYS B 38 -2.31 -17.12 5.55
C LYS B 38 -1.62 -15.78 5.33
N ASP B 39 -2.41 -14.74 5.14
CA ASP B 39 -1.87 -13.37 5.14
C ASP B 39 -1.78 -12.88 6.58
N ASP B 40 -1.34 -11.64 6.77
CA ASP B 40 -1.19 -11.08 8.12
C ASP B 40 -2.52 -10.83 8.85
N ASP B 41 -3.62 -10.86 8.10
CA ASP B 41 -4.97 -10.75 8.66
C ASP B 41 -5.56 -12.12 9.04
N GLY B 42 -4.82 -13.20 8.75
CA GLY B 42 -5.25 -14.54 9.09
C GLY B 42 -6.11 -15.19 8.01
N ARG B 43 -6.25 -14.52 6.87
CA ARG B 43 -7.07 -15.05 5.78
C ARG B 43 -6.30 -16.12 5.03
N SER B 44 -7.03 -17.15 4.59
CA SER B 44 -6.46 -18.25 3.84
C SER B 44 -6.30 -17.85 2.38
N LEU B 45 -5.12 -18.09 1.82
CA LEU B 45 -4.77 -17.61 0.49
C LEU B 45 -4.97 -18.66 -0.60
N ILE B 46 -5.73 -18.30 -1.64
CA ILE B 46 -5.83 -19.12 -2.84
C ILE B 46 -5.00 -18.41 -3.90
N LEU B 47 -3.89 -19.05 -4.29
CA LEU B 47 -2.86 -18.38 -5.08
C LEU B 47 -2.91 -18.79 -6.55
N ARG B 48 -2.95 -17.81 -7.44
CA ARG B 48 -3.07 -18.05 -8.87
C ARG B 48 -2.19 -17.11 -9.67
N GLY B 49 -1.22 -17.68 -10.38
CA GLY B 49 -0.34 -16.87 -11.20
C GLY B 49 0.56 -17.66 -12.12
N PHE B 50 1.70 -17.05 -12.45
CA PHE B 50 2.67 -17.60 -13.39
C PHE B 50 4.05 -17.70 -12.77
N ASN B 51 4.86 -18.56 -13.38
CA ASN B 51 6.31 -18.49 -13.26
C ASN B 51 6.81 -17.34 -14.15
N THR B 52 7.52 -16.40 -13.54
CA THR B 52 8.09 -15.27 -14.28
C THR B 52 9.56 -15.09 -13.87
N ALA B 53 10.50 -15.36 -14.79
CA ALA B 53 10.27 -15.97 -16.10
C ALA B 53 11.52 -16.73 -16.52
N SER B 54 11.38 -17.65 -17.46
CA SER B 54 12.51 -18.42 -17.98
C SER B 54 13.60 -17.50 -18.56
N SER B 55 13.20 -16.35 -19.09
CA SER B 55 14.16 -15.38 -19.64
C SER B 55 15.19 -14.88 -18.62
N ALA B 56 14.82 -14.90 -17.34
CA ALA B 56 15.74 -14.54 -16.25
C ALA B 56 16.98 -15.45 -16.21
N LYS B 57 16.82 -16.70 -16.65
CA LYS B 57 17.88 -17.70 -16.55
C LYS B 57 19.17 -17.26 -17.22
N SER B 58 19.04 -16.66 -18.41
CA SER B 58 20.18 -16.29 -19.25
C SER B 58 20.59 -14.82 -19.14
N ALA B 59 19.76 -14.00 -18.51
CA ALA B 59 20.00 -12.55 -18.45
C ALA B 59 21.20 -12.25 -17.57
N PRO B 60 22.22 -11.54 -18.10
CA PRO B 60 23.35 -11.18 -17.24
C PRO B 60 22.98 -10.48 -15.92
N ASP B 61 21.96 -9.60 -15.94
CA ASP B 61 21.51 -8.91 -14.73
C ASP B 61 20.54 -9.73 -13.87
N GLY B 62 20.23 -10.96 -14.29
CA GLY B 62 19.42 -11.88 -13.49
C GLY B 62 17.92 -11.63 -13.53
N MET B 63 17.50 -10.64 -14.34
CA MET B 63 16.09 -10.23 -14.39
CA MET B 63 16.09 -10.27 -14.37
C MET B 63 15.39 -10.82 -15.61
N PRO B 64 14.08 -11.12 -15.48
CA PRO B 64 13.37 -11.60 -16.64
C PRO B 64 13.11 -10.46 -17.63
N GLN B 65 12.91 -10.81 -18.90
CA GLN B 65 12.44 -9.86 -19.91
C GLN B 65 10.92 -9.73 -19.75
N PHE B 66 10.56 -9.01 -18.69
CA PHE B 66 9.19 -8.86 -18.26
C PHE B 66 9.17 -7.52 -17.56
N THR B 67 8.31 -6.63 -18.04
CA THR B 67 8.27 -5.26 -17.57
C THR B 67 7.05 -5.00 -16.70
N GLU B 68 7.01 -3.82 -16.08
CA GLU B 68 5.86 -3.42 -15.29
C GLU B 68 4.61 -3.31 -16.18
N ALA B 69 4.80 -2.87 -17.42
CA ALA B 69 3.72 -2.85 -18.40
C ALA B 69 3.18 -4.24 -18.69
N ASP B 70 4.07 -5.23 -18.76
CA ASP B 70 3.65 -6.62 -18.94
C ASP B 70 2.82 -7.10 -17.76
N LEU B 71 3.22 -6.71 -16.55
CA LEU B 71 2.45 -7.11 -15.36
C LEU B 71 1.07 -6.47 -15.35
N ALA B 72 0.99 -5.19 -15.76
CA ALA B 72 -0.29 -4.51 -15.89
C ALA B 72 -1.24 -5.25 -16.84
N ARG B 73 -0.69 -5.72 -17.97
CA ARG B 73 -1.45 -6.51 -18.93
C ARG B 73 -1.90 -7.83 -18.31
N GLU B 74 -0.98 -8.53 -17.65
CA GLU B 74 -1.31 -9.79 -16.99
C GLU B 74 -2.47 -9.61 -16.02
N TYR B 75 -2.38 -8.60 -15.17
CA TYR B 75 -3.42 -8.38 -14.17
C TYR B 75 -4.76 -8.02 -14.80
N ALA B 76 -4.72 -7.15 -15.82
CA ALA B 76 -5.92 -6.72 -16.52
C ALA B 76 -6.62 -7.86 -17.25
N ASP B 77 -5.83 -8.77 -17.83
CA ASP B 77 -6.38 -9.86 -18.64
C ASP B 77 -6.81 -11.08 -17.82
N MET B 78 -6.16 -11.32 -16.68
CA MET B 78 -6.37 -12.56 -15.90
C MET B 78 -6.55 -12.41 -14.39
N GLY B 79 -6.32 -11.22 -13.83
CA GLY B 79 -6.55 -10.98 -12.39
C GLY B 79 -5.76 -11.87 -11.45
N THR B 80 -4.56 -12.27 -11.87
CA THR B 80 -3.69 -13.10 -11.05
C THR B 80 -3.27 -12.40 -9.76
N ASN B 81 -2.93 -13.21 -8.74
CA ASN B 81 -2.55 -12.71 -7.43
C ASN B 81 -1.28 -13.35 -6.85
N PHE B 82 -0.55 -14.07 -7.69
CA PHE B 82 0.62 -14.85 -7.28
C PHE B 82 1.68 -14.81 -8.37
N VAL B 83 2.93 -14.93 -7.96
CA VAL B 83 4.01 -15.18 -8.92
C VAL B 83 5.06 -16.06 -8.28
N ARG B 84 5.56 -17.02 -9.05
CA ARG B 84 6.77 -17.74 -8.71
C ARG B 84 7.86 -17.01 -9.47
N PHE B 85 8.60 -16.16 -8.76
CA PHE B 85 9.59 -15.28 -9.38
C PHE B 85 10.95 -15.94 -9.33
N LEU B 86 11.52 -16.17 -10.52
CA LEU B 86 12.81 -16.88 -10.61
C LEU B 86 13.96 -15.98 -10.18
N ILE B 87 14.69 -16.43 -9.17
CA ILE B 87 15.99 -15.88 -8.83
C ILE B 87 17.04 -16.96 -9.09
N SER B 88 18.31 -16.63 -8.88
CA SER B 88 19.37 -17.60 -9.13
C SER B 88 20.52 -17.44 -8.17
N TRP B 89 21.12 -18.57 -7.82
CA TRP B 89 22.28 -18.62 -6.95
C TRP B 89 23.43 -17.83 -7.58
N ARG B 90 23.62 -17.96 -8.89
CA ARG B 90 24.68 -17.23 -9.59
C ARG B 90 24.52 -15.71 -9.50
N SER B 91 23.29 -15.24 -9.41
CA SER B 91 23.04 -13.80 -9.26
C SER B 91 23.14 -13.37 -7.80
N VAL B 92 22.66 -14.21 -6.88
CA VAL B 92 22.71 -13.91 -5.44
C VAL B 92 24.15 -13.94 -4.92
N GLU B 93 24.89 -14.99 -5.29
CA GLU B 93 26.26 -15.17 -4.82
C GLU B 93 27.21 -15.35 -6.02
N PRO B 94 27.48 -14.28 -6.77
CA PRO B 94 28.33 -14.35 -7.97
C PRO B 94 29.79 -14.78 -7.71
N ALA B 95 30.26 -14.56 -6.49
CA ALA B 95 31.58 -15.01 -6.05
C ALA B 95 31.45 -15.58 -4.65
N PRO B 96 32.34 -16.52 -4.26
CA PRO B 96 32.19 -17.18 -2.96
C PRO B 96 32.12 -16.20 -1.79
N GLY B 97 31.06 -16.30 -1.00
CA GLY B 97 30.90 -15.49 0.21
C GLY B 97 30.52 -14.04 -0.03
N VAL B 98 30.25 -13.67 -1.28
CA VAL B 98 29.92 -12.29 -1.65
C VAL B 98 28.53 -12.22 -2.27
N TYR B 99 27.63 -11.49 -1.60
CA TYR B 99 26.25 -11.38 -2.07
C TYR B 99 26.04 -10.09 -2.82
N ASP B 100 25.37 -10.19 -3.97
CA ASP B 100 25.15 -9.04 -4.81
C ASP B 100 23.89 -8.30 -4.35
N GLN B 101 24.10 -7.23 -3.57
CA GLN B 101 22.99 -6.43 -3.05
C GLN B 101 22.35 -5.57 -4.15
N GLN B 102 23.08 -5.30 -5.23
CA GLN B 102 22.54 -4.57 -6.37
CA GLN B 102 22.55 -4.58 -6.38
C GLN B 102 21.55 -5.46 -7.13
N TYR B 103 21.84 -6.76 -7.19
CA TYR B 103 20.91 -7.73 -7.79
C TYR B 103 19.64 -7.84 -6.94
N LEU B 104 19.82 -7.92 -5.63
CA LEU B 104 18.68 -7.97 -4.72
C LEU B 104 17.86 -6.67 -4.78
N ASP B 105 18.51 -5.54 -5.03
CA ASP B 105 17.80 -4.29 -5.30
C ASP B 105 16.91 -4.43 -6.53
N ARG B 106 17.43 -5.08 -7.57
CA ARG B 106 16.65 -5.31 -8.78
C ARG B 106 15.47 -6.25 -8.49
N VAL B 107 15.72 -7.30 -7.71
CA VAL B 107 14.64 -8.23 -7.34
C VAL B 107 13.55 -7.48 -6.54
N GLU B 108 13.99 -6.65 -5.59
CA GLU B 108 13.08 -5.85 -4.77
C GLU B 108 12.24 -4.87 -5.60
N ASP B 109 12.87 -4.29 -6.62
CA ASP B 109 12.17 -3.41 -7.57
C ASP B 109 11.03 -4.14 -8.27
N ARG B 110 11.33 -5.34 -8.77
CA ARG B 110 10.32 -6.16 -9.44
C ARG B 110 9.21 -6.59 -8.49
N VAL B 111 9.58 -7.03 -7.29
CA VAL B 111 8.62 -7.42 -6.26
C VAL B 111 7.69 -6.24 -5.92
N GLY B 112 8.24 -5.02 -5.98
CA GLY B 112 7.44 -3.81 -5.79
C GLY B 112 6.32 -3.65 -6.81
N TRP B 113 6.56 -4.05 -8.06
CA TRP B 113 5.52 -4.00 -9.08
C TRP B 113 4.38 -4.90 -8.66
N TYR B 114 4.75 -6.10 -8.19
CA TYR B 114 3.78 -7.08 -7.72
C TYR B 114 3.05 -6.59 -6.47
N ALA B 115 3.79 -6.04 -5.52
CA ALA B 115 3.20 -5.54 -4.27
C ALA B 115 2.16 -4.46 -4.53
N GLU B 116 2.45 -3.56 -5.47
CA GLU B 116 1.55 -2.46 -5.85
C GLU B 116 0.21 -2.92 -6.39
N ARG B 117 0.18 -4.12 -6.99
CA ARG B 117 -1.04 -4.66 -7.58
C ARG B 117 -1.63 -5.82 -6.76
N GLY B 118 -1.18 -5.95 -5.51
CA GLY B 118 -1.79 -6.87 -4.55
C GLY B 118 -1.38 -8.33 -4.69
N TYR B 119 -0.27 -8.58 -5.38
CA TYR B 119 0.25 -9.93 -5.56
C TYR B 119 1.00 -10.41 -4.34
N LYS B 120 1.02 -11.73 -4.17
CA LYS B 120 1.94 -12.41 -3.27
C LYS B 120 3.05 -13.06 -4.11
N VAL B 121 4.25 -13.06 -3.56
CA VAL B 121 5.45 -13.50 -4.30
C VAL B 121 6.08 -14.72 -3.65
N MET B 122 6.38 -15.74 -4.45
CA MET B 122 7.26 -16.83 -4.02
C MET B 122 8.59 -16.71 -4.77
N LEU B 123 9.69 -16.58 -4.04
CA LEU B 123 11.01 -16.50 -4.67
C LEU B 123 11.54 -17.91 -4.86
N ASP B 124 11.92 -18.22 -6.10
CA ASP B 124 12.33 -19.56 -6.52
C ASP B 124 13.81 -19.52 -6.89
N MET B 125 14.63 -20.18 -6.08
CA MET B 125 16.05 -20.35 -6.40
C MET B 125 16.15 -21.40 -7.50
N HIS B 126 16.19 -20.91 -8.74
CA HIS B 126 15.95 -21.76 -9.91
C HIS B 126 17.25 -22.25 -10.51
N GLN B 127 17.24 -23.52 -10.89
CA GLN B 127 18.31 -24.13 -11.70
C GLN B 127 17.69 -25.12 -12.67
N ASP B 128 18.38 -25.33 -13.79
CA ASP B 128 18.16 -26.51 -14.63
C ASP B 128 19.53 -27.00 -15.07
N VAL B 129 19.78 -28.30 -14.93
CA VAL B 129 21.06 -28.90 -15.32
C VAL B 129 22.23 -28.23 -14.59
N TYR B 130 21.98 -27.91 -13.33
CA TYR B 130 22.96 -27.32 -12.40
C TYR B 130 23.37 -25.87 -12.69
N SER B 131 23.86 -25.60 -13.90
CA SER B 131 24.48 -24.31 -14.22
C SER B 131 24.67 -24.11 -15.71
N GLY B 132 24.78 -22.84 -16.12
CA GLY B 132 25.19 -22.50 -17.47
C GLY B 132 26.65 -22.83 -17.73
N ALA B 133 27.42 -23.00 -16.66
CA ALA B 133 28.85 -23.29 -16.77
C ALA B 133 29.16 -24.74 -17.13
N ILE B 134 28.13 -25.55 -17.39
CA ILE B 134 28.34 -26.96 -17.76
C ILE B 134 28.90 -27.13 -19.17
N THR B 135 28.72 -26.12 -20.02
CA THR B 135 29.39 -26.05 -21.31
C THR B 135 29.88 -24.62 -21.58
N PRO B 136 30.99 -24.46 -22.32
CA PRO B 136 31.45 -23.13 -22.73
C PRO B 136 30.43 -22.36 -23.59
N GLU B 137 29.71 -23.07 -24.45
CA GLU B 137 28.85 -22.43 -25.46
C GLU B 137 27.53 -21.92 -24.87
N GLY B 138 26.96 -22.70 -23.96
CA GLY B 138 25.67 -22.35 -23.34
C GLY B 138 25.79 -21.42 -22.14
N ASN B 139 27.01 -21.12 -21.72
CA ASN B 139 27.24 -20.20 -20.60
C ASN B 139 27.11 -18.75 -21.07
N SER B 140 26.01 -18.10 -20.66
CA SER B 140 25.76 -16.70 -21.02
C SER B 140 26.33 -15.71 -19.98
N GLY B 141 27.05 -16.23 -18.99
CA GLY B 141 27.73 -15.41 -18.00
C GLY B 141 27.70 -15.99 -16.60
N ASN B 142 28.84 -16.53 -16.17
CA ASN B 142 29.04 -16.99 -14.79
C ASN B 142 27.94 -17.92 -14.26
N GLY B 143 27.46 -18.82 -15.11
CA GLY B 143 26.43 -19.78 -14.72
C GLY B 143 25.03 -19.46 -15.21
N ALA B 144 24.83 -18.27 -15.77
CA ALA B 144 23.61 -17.94 -16.47
C ALA B 144 23.55 -18.73 -17.77
N GLY B 145 22.35 -19.02 -18.25
CA GLY B 145 22.20 -19.72 -19.53
C GLY B 145 20.75 -19.98 -19.92
N ALA B 146 20.54 -20.21 -21.21
CA ALA B 146 19.21 -20.44 -21.77
C ALA B 146 18.74 -21.87 -21.53
N ILE B 147 19.69 -22.81 -21.48
CA ILE B 147 19.38 -24.21 -21.16
C ILE B 147 19.86 -24.49 -19.74
N GLY B 148 21.12 -24.89 -19.56
CA GLY B 148 21.69 -25.01 -18.23
C GLY B 148 21.73 -23.64 -17.56
N ASN B 149 21.37 -23.59 -16.29
CA ASN B 149 21.32 -22.33 -15.53
C ASN B 149 21.25 -22.61 -14.03
N GLY B 150 21.79 -21.69 -13.23
CA GLY B 150 21.59 -21.72 -11.79
C GLY B 150 22.78 -21.38 -10.93
N ALA B 151 23.62 -22.39 -10.70
CA ALA B 151 24.79 -22.22 -9.84
C ALA B 151 25.83 -21.35 -10.54
N PRO B 152 26.59 -20.58 -9.74
CA PRO B 152 27.69 -19.82 -10.33
C PRO B 152 28.80 -20.77 -10.79
N ALA B 153 29.68 -20.27 -11.65
CA ALA B 153 30.77 -21.09 -12.16
C ALA B 153 31.66 -21.62 -11.03
N TRP B 154 31.92 -20.80 -10.02
CA TRP B 154 32.80 -21.21 -8.91
C TRP B 154 32.27 -22.41 -8.13
N ALA B 155 30.94 -22.58 -8.15
CA ALA B 155 30.25 -23.68 -7.48
C ALA B 155 30.06 -24.90 -8.38
N THR B 156 30.56 -24.83 -9.62
CA THR B 156 30.37 -25.90 -10.61
C THR B 156 31.67 -26.68 -10.79
N TYR B 157 31.68 -27.92 -10.29
CA TYR B 157 32.85 -28.79 -10.30
C TYR B 157 32.56 -30.06 -11.09
N MET B 158 32.89 -30.05 -12.39
CA MET B 158 32.69 -31.21 -13.25
C MET B 158 33.91 -32.14 -13.28
N ASP B 159 35.03 -31.65 -12.74
CA ASP B 159 36.27 -32.43 -12.63
C ASP B 159 36.74 -32.99 -13.98
N GLY B 160 36.56 -32.20 -15.03
CA GLY B 160 37.03 -32.55 -16.36
C GLY B 160 36.18 -33.54 -17.14
N LEU B 161 35.09 -34.02 -16.53
CA LEU B 161 34.24 -35.03 -17.16
C LEU B 161 33.37 -34.39 -18.25
N PRO B 162 33.12 -35.13 -19.35
CA PRO B 162 32.46 -34.56 -20.51
C PRO B 162 30.99 -34.19 -20.34
N VAL B 163 30.56 -33.21 -21.13
CA VAL B 163 29.16 -32.88 -21.31
C VAL B 163 28.94 -32.63 -22.80
N GLU B 164 28.80 -33.74 -23.54
CA GLU B 164 28.65 -33.67 -25.00
C GLU B 164 27.25 -33.27 -25.39
N PRO B 165 27.07 -32.74 -26.62
CA PRO B 165 25.75 -32.33 -27.10
C PRO B 165 24.70 -33.45 -27.05
N GLN B 166 23.48 -33.11 -26.63
CA GLN B 166 22.39 -34.08 -26.52
C GLN B 166 21.16 -33.63 -27.31
N PRO B 167 20.35 -34.59 -27.79
CA PRO B 167 19.19 -34.26 -28.65
C PRO B 167 18.03 -33.54 -27.93
N ARG B 168 17.96 -33.62 -26.61
CA ARG B 168 17.01 -32.82 -25.84
C ARG B 168 17.65 -32.39 -24.53
N TRP B 169 17.29 -31.20 -24.05
CA TRP B 169 18.04 -30.57 -22.98
C TRP B 169 18.05 -31.38 -21.67
N GLU B 170 16.97 -32.10 -21.39
CA GLU B 170 16.88 -32.86 -20.14
C GLU B 170 17.94 -33.96 -20.05
N LEU B 171 18.42 -34.42 -21.22
CA LEU B 171 19.45 -35.47 -21.24
C LEU B 171 20.83 -34.95 -20.82
N TYR B 172 21.02 -33.63 -20.76
CA TYR B 172 22.26 -33.09 -20.20
C TYR B 172 22.43 -33.46 -18.72
N TYR B 173 21.31 -33.66 -18.02
CA TYR B 173 21.33 -34.08 -16.62
C TYR B 173 22.19 -35.32 -16.33
N ILE B 174 22.18 -36.28 -17.27
CA ILE B 174 22.86 -37.56 -17.05
C ILE B 174 24.25 -37.65 -17.68
N GLN B 175 24.76 -36.55 -18.24
CA GLN B 175 26.12 -36.54 -18.77
C GLN B 175 27.12 -36.53 -17.63
N PRO B 176 28.28 -37.18 -17.83
CA PRO B 176 29.25 -37.38 -16.76
C PRO B 176 29.61 -36.11 -15.97
N GLY B 177 29.83 -35.00 -16.67
CA GLY B 177 30.18 -33.73 -16.02
C GLY B 177 29.08 -33.20 -15.12
N VAL B 178 27.84 -33.27 -15.62
CA VAL B 178 26.67 -32.77 -14.86
C VAL B 178 26.40 -33.67 -13.66
N MET B 179 26.43 -34.99 -13.88
CA MET B 179 26.28 -35.93 -12.76
C MET B 179 27.32 -35.65 -11.68
N ARG B 180 28.55 -35.35 -12.09
CA ARG B 180 29.63 -35.02 -11.16
C ARG B 180 29.41 -33.67 -10.46
N ALA B 181 28.96 -32.67 -11.21
CA ALA B 181 28.65 -31.34 -10.64
C ALA B 181 27.63 -31.50 -9.50
N PHE B 182 26.60 -32.31 -9.74
CA PHE B 182 25.61 -32.60 -8.70
C PHE B 182 26.17 -33.45 -7.56
N ASP B 183 26.93 -34.50 -7.90
CA ASP B 183 27.54 -35.35 -6.88
C ASP B 183 28.47 -34.55 -5.96
N ASN B 184 29.16 -33.56 -6.52
CA ASN B 184 29.98 -32.65 -5.73
C ASN B 184 29.10 -31.71 -4.87
N PHE B 185 28.05 -31.14 -5.45
CA PHE B 185 27.16 -30.27 -4.68
C PHE B 185 26.54 -30.95 -3.46
N TRP B 186 26.03 -32.17 -3.64
CA TRP B 186 25.43 -32.92 -2.53
C TRP B 186 26.50 -33.55 -1.61
N ASN B 187 27.76 -33.37 -1.97
CA ASN B 187 28.91 -33.97 -1.28
C ASN B 187 28.87 -35.50 -1.25
N THR B 188 28.27 -36.09 -2.28
CA THR B 188 28.32 -37.53 -2.47
C THR B 188 29.76 -37.97 -2.72
N THR B 189 30.56 -37.10 -3.34
CA THR B 189 31.98 -37.36 -3.58
C THR B 189 32.85 -37.23 -2.32
N GLY B 190 32.34 -36.52 -1.30
CA GLY B 190 33.11 -36.22 -0.10
C GLY B 190 34.08 -35.05 -0.27
N LYS B 191 34.11 -34.46 -1.47
CA LYS B 191 35.10 -33.44 -1.82
C LYS B 191 34.64 -32.01 -1.60
N HIS B 192 33.33 -31.78 -1.44
CA HIS B 192 32.80 -30.42 -1.35
C HIS B 192 31.69 -30.24 -0.31
N PRO B 193 32.01 -30.43 0.97
CA PRO B 193 31.03 -30.21 2.02
C PRO B 193 30.61 -28.74 2.15
N GLU B 194 31.38 -27.83 1.56
CA GLU B 194 31.11 -26.40 1.66
C GLU B 194 29.94 -25.92 0.79
N LEU B 195 29.60 -26.68 -0.25
CA LEU B 195 28.66 -26.16 -1.26
C LEU B 195 27.25 -25.98 -0.72
N VAL B 196 26.74 -26.98 -0.01
CA VAL B 196 25.41 -26.85 0.61
C VAL B 196 25.42 -25.69 1.62
N GLU B 197 26.52 -25.53 2.36
CA GLU B 197 26.68 -24.40 3.30
C GLU B 197 26.59 -23.04 2.61
N HIS B 198 27.28 -22.88 1.48
CA HIS B 198 27.16 -21.66 0.66
C HIS B 198 25.71 -21.43 0.25
N TYR B 199 25.08 -22.49 -0.25
CA TYR B 199 23.69 -22.44 -0.69
C TYR B 199 22.75 -21.95 0.42
N ALA B 200 22.89 -22.53 1.60
CA ALA B 200 22.06 -22.16 2.76
C ALA B 200 22.25 -20.68 3.13
N LYS B 201 23.51 -20.23 3.14
CA LYS B 201 23.80 -18.85 3.50
C LYS B 201 23.42 -17.86 2.41
N ALA B 202 23.43 -18.30 1.15
CA ALA B 202 22.93 -17.49 0.06
C ALA B 202 21.43 -17.27 0.25
N TRP B 203 20.72 -18.33 0.67
CA TRP B 203 19.30 -18.19 1.01
C TRP B 203 19.09 -17.27 2.20
N ARG B 204 19.94 -17.38 3.22
CA ARG B 204 19.86 -16.49 4.38
CA ARG B 204 19.87 -16.49 4.37
C ARG B 204 19.97 -15.03 3.93
N ALA B 205 20.88 -14.77 2.99
CA ALA B 205 21.07 -13.40 2.46
C ALA B 205 19.80 -12.87 1.79
N VAL B 206 19.15 -13.73 1.00
CA VAL B 206 17.89 -13.37 0.35
C VAL B 206 16.82 -13.11 1.41
N ALA B 207 16.70 -14.02 2.38
CA ALA B 207 15.68 -13.91 3.43
C ALA B 207 15.89 -12.65 4.27
N ASP B 208 17.14 -12.25 4.45
CA ASP B 208 17.46 -11.05 5.23
C ASP B 208 16.93 -9.79 4.54
N ARG B 209 17.02 -9.75 3.21
CA ARG B 209 16.49 -8.64 2.44
C ARG B 209 14.95 -8.61 2.41
N PHE B 210 14.33 -9.79 2.34
CA PHE B 210 12.88 -9.85 2.10
C PHE B 210 12.02 -10.21 3.31
N ALA B 211 12.64 -10.40 4.48
CA ALA B 211 11.91 -10.72 5.71
C ALA B 211 10.76 -9.75 6.02
N ASP B 212 11.01 -8.46 5.81
CA ASP B 212 10.02 -7.42 6.12
C ASP B 212 9.25 -6.96 4.88
N ASN B 213 9.30 -7.74 3.80
CA ASN B 213 8.58 -7.40 2.59
C ASN B 213 7.20 -8.05 2.62
N ASP B 214 6.16 -7.23 2.70
CA ASP B 214 4.81 -7.74 2.94
C ASP B 214 4.22 -8.48 1.74
N ALA B 215 4.83 -8.35 0.57
CA ALA B 215 4.37 -9.05 -0.63
C ALA B 215 4.95 -10.47 -0.76
N VAL B 216 6.08 -10.73 -0.11
CA VAL B 216 6.73 -12.04 -0.18
C VAL B 216 6.11 -12.98 0.84
N VAL B 217 5.60 -14.12 0.39
CA VAL B 217 4.95 -15.09 1.28
C VAL B 217 5.68 -16.43 1.35
N ALA B 218 6.56 -16.71 0.38
CA ALA B 218 7.19 -18.03 0.31
C ALA B 218 8.57 -18.00 -0.34
N TYR B 219 9.43 -18.90 0.16
CA TYR B 219 10.74 -19.17 -0.43
C TYR B 219 10.75 -20.63 -0.91
N ASP B 220 10.84 -20.81 -2.21
CA ASP B 220 10.95 -22.13 -2.85
C ASP B 220 12.44 -22.47 -2.95
N LEU B 221 12.90 -23.33 -2.04
CA LEU B 221 14.34 -23.50 -1.78
C LEU B 221 15.17 -24.01 -2.96
N MET B 222 14.65 -24.93 -3.76
CA MET B 222 15.38 -25.41 -4.92
C MET B 222 14.43 -25.91 -5.99
N ASN B 223 14.58 -25.37 -7.20
CA ASN B 223 13.84 -25.86 -8.34
C ASN B 223 14.30 -27.25 -8.74
N GLU B 224 13.34 -28.15 -8.90
CA GLU B 224 13.56 -29.51 -9.44
C GLU B 224 14.87 -30.16 -9.00
N PRO B 225 14.99 -30.45 -7.70
CA PRO B 225 16.18 -31.11 -7.17
C PRO B 225 16.52 -32.38 -7.96
N PHE B 226 17.78 -32.54 -8.29
CA PHE B 226 18.29 -33.69 -9.03
C PHE B 226 19.45 -34.25 -8.25
N GLY B 227 19.45 -35.56 -8.02
CA GLY B 227 20.39 -36.17 -7.09
C GLY B 227 21.68 -36.71 -7.69
N GLY B 228 21.87 -36.55 -9.00
CA GLY B 228 23.03 -37.14 -9.66
C GLY B 228 23.01 -38.66 -9.53
N SER B 229 24.08 -39.22 -8.95
CA SER B 229 24.20 -40.68 -8.76
C SER B 229 23.27 -41.23 -7.68
N LEU B 230 22.69 -40.34 -6.87
CA LEU B 230 21.68 -40.71 -5.87
C LEU B 230 20.29 -40.40 -6.42
N GLN B 231 19.39 -41.39 -6.38
CA GLN B 231 18.02 -41.20 -6.85
C GLN B 231 17.02 -41.92 -5.94
N GLY B 232 15.83 -41.35 -5.81
CA GLY B 232 14.80 -41.93 -4.97
C GLY B 232 14.99 -41.53 -3.51
N PRO B 233 14.44 -42.33 -2.57
CA PRO B 233 14.61 -42.08 -1.13
C PRO B 233 16.05 -41.89 -0.65
N ALA B 234 17.00 -42.65 -1.22
CA ALA B 234 18.41 -42.47 -0.90
C ALA B 234 18.83 -40.99 -1.04
N PHE B 235 18.25 -40.33 -2.03
CA PHE B 235 18.51 -38.91 -2.27
C PHE B 235 17.60 -38.02 -1.43
N GLU B 236 16.29 -38.23 -1.57
CA GLU B 236 15.30 -37.32 -0.99
C GLU B 236 15.34 -37.29 0.54
N ALA B 237 15.47 -38.45 1.16
CA ALA B 237 15.52 -38.56 2.62
C ALA B 237 16.94 -38.36 3.16
N GLY B 238 17.93 -38.34 2.27
CA GLY B 238 19.32 -38.12 2.62
C GLY B 238 19.74 -36.68 2.42
N PRO B 239 20.62 -36.41 1.44
CA PRO B 239 21.16 -35.04 1.29
C PRO B 239 20.14 -33.97 0.90
N LEU B 240 19.06 -34.33 0.21
CA LEU B 240 18.04 -33.34 -0.11
C LEU B 240 17.40 -32.78 1.16
N ALA B 241 16.84 -33.67 1.97
CA ALA B 241 16.22 -33.26 3.23
C ALA B 241 17.21 -32.54 4.14
N ALA B 242 18.46 -32.99 4.15
CA ALA B 242 19.49 -32.36 4.98
C ALA B 242 19.75 -30.92 4.53
N MET B 243 19.78 -30.68 3.23
CA MET B 243 19.98 -29.34 2.68
C MET B 243 18.80 -28.43 3.01
N TYR B 244 17.60 -28.96 2.85
CA TYR B 244 16.39 -28.23 3.22
C TYR B 244 16.42 -27.82 4.69
N GLN B 245 16.83 -28.75 5.56
CA GLN B 245 16.88 -28.49 6.99
C GLN B 245 17.92 -27.40 7.32
N ARG B 246 19.10 -27.51 6.74
CA ARG B 246 20.16 -26.52 6.96
C ARG B 246 19.75 -25.14 6.45
N THR B 247 19.06 -25.11 5.31
CA THR B 247 18.64 -23.86 4.68
C THR B 247 17.47 -23.23 5.44
N THR B 248 16.53 -24.06 5.91
CA THR B 248 15.42 -23.59 6.74
C THR B 248 15.96 -22.95 8.03
N ASP B 249 16.89 -23.65 8.68
CA ASP B 249 17.53 -23.12 9.89
C ASP B 249 18.23 -21.79 9.63
N ALA B 250 18.92 -21.67 8.50
CA ALA B 250 19.61 -20.42 8.12
C ALA B 250 18.63 -19.28 7.86
N ILE B 251 17.59 -19.55 7.08
CA ILE B 251 16.56 -18.56 6.81
C ILE B 251 15.89 -18.06 8.10
N ARG B 252 15.63 -18.98 9.02
CA ARG B 252 14.95 -18.65 10.28
C ARG B 252 15.80 -17.85 11.27
N GLN B 253 17.09 -17.66 10.95
CA GLN B 253 17.93 -16.74 11.71
C GLN B 253 17.54 -15.28 11.44
N VAL B 254 16.98 -15.02 10.25
CA VAL B 254 16.63 -13.67 9.82
C VAL B 254 15.15 -13.46 9.45
N ASP B 255 14.40 -14.54 9.27
CA ASP B 255 13.00 -14.46 8.82
C ASP B 255 12.17 -15.53 9.51
N GLN B 256 11.23 -15.11 10.35
CA GLN B 256 10.42 -16.03 11.14
C GLN B 256 9.13 -16.46 10.46
N ASP B 257 8.62 -15.64 9.54
CA ASP B 257 7.23 -15.74 9.11
C ASP B 257 7.00 -16.21 7.67
N THR B 258 8.00 -16.07 6.80
CA THR B 258 7.84 -16.49 5.41
C THR B 258 7.78 -18.01 5.35
N TRP B 259 6.88 -18.55 4.53
CA TRP B 259 6.77 -20.01 4.35
CA TRP B 259 6.78 -19.99 4.36
C TRP B 259 7.99 -20.51 3.60
N VAL B 260 8.56 -21.61 4.09
CA VAL B 260 9.68 -22.26 3.42
C VAL B 260 9.07 -23.41 2.63
N CYS B 261 9.21 -23.35 1.30
CA CYS B 261 8.62 -24.35 0.43
CA CYS B 261 8.62 -24.35 0.42
C CYS B 261 9.67 -25.33 -0.08
N VAL B 262 9.35 -26.62 0.03
CA VAL B 262 10.26 -27.68 -0.33
C VAL B 262 9.66 -28.54 -1.43
N ALA B 263 10.53 -28.98 -2.34
CA ALA B 263 10.12 -29.79 -3.47
C ALA B 263 10.67 -31.20 -3.35
N PRO B 264 9.96 -32.18 -3.94
CA PRO B 264 10.53 -33.52 -4.02
C PRO B 264 11.57 -33.51 -5.15
N GLN B 265 12.31 -34.59 -5.33
CA GLN B 265 13.11 -34.70 -6.55
C GLN B 265 12.14 -34.66 -7.73
N ALA B 266 12.57 -34.04 -8.83
CA ALA B 266 11.70 -33.82 -9.98
C ALA B 266 11.55 -35.08 -10.81
N ILE B 267 12.66 -35.74 -11.16
CA ILE B 267 12.56 -36.89 -12.05
C ILE B 267 11.76 -37.99 -11.37
N GLY B 268 10.79 -38.53 -12.10
CA GLY B 268 9.87 -39.52 -11.56
C GLY B 268 8.66 -38.89 -10.89
N VAL B 269 8.91 -38.06 -9.87
CA VAL B 269 7.82 -37.47 -9.10
C VAL B 269 6.99 -36.47 -9.95
N ASN B 270 7.66 -35.71 -10.82
CA ASN B 270 6.96 -34.87 -11.81
C ASN B 270 5.98 -35.66 -12.66
N GLN B 271 6.31 -36.94 -12.88
CA GLN B 271 5.54 -37.83 -13.75
C GLN B 271 4.52 -38.68 -13.00
N GLY B 272 4.37 -38.48 -11.69
CA GLY B 272 3.35 -39.17 -10.90
C GLY B 272 3.82 -40.26 -9.97
N LEU B 273 5.14 -40.43 -9.85
CA LEU B 273 5.70 -41.40 -8.90
C LEU B 273 5.75 -40.81 -7.49
N PRO B 274 5.81 -41.68 -6.46
CA PRO B 274 5.90 -41.20 -5.08
C PRO B 274 7.24 -40.55 -4.74
N SER B 275 7.19 -39.62 -3.80
CA SER B 275 8.39 -39.01 -3.22
C SER B 275 8.74 -39.66 -1.89
N GLY B 276 10.04 -39.81 -1.63
CA GLY B 276 10.55 -40.25 -0.33
C GLY B 276 10.99 -39.10 0.56
N LEU B 277 10.62 -37.86 0.21
CA LEU B 277 10.98 -36.72 1.04
C LEU B 277 10.40 -36.88 2.45
N THR B 278 11.18 -36.46 3.44
CA THR B 278 10.85 -36.63 4.85
C THR B 278 10.62 -35.26 5.50
N LYS B 279 10.06 -35.29 6.70
CA LYS B 279 9.66 -34.06 7.41
C LYS B 279 10.83 -33.12 7.73
N ILE B 280 10.61 -31.84 7.45
CA ILE B 280 11.57 -30.78 7.74
C ILE B 280 11.09 -30.05 9.00
N ASP B 281 11.98 -29.87 9.96
CA ASP B 281 11.66 -29.16 11.20
C ASP B 281 11.74 -27.66 10.98
N ASP B 282 10.74 -26.95 11.46
CA ASP B 282 10.72 -25.50 11.41
C ASP B 282 11.00 -24.97 12.81
N PRO B 283 12.14 -24.29 13.01
CA PRO B 283 12.48 -23.80 14.34
C PRO B 283 11.65 -22.59 14.83
N ARG B 284 10.81 -22.00 13.98
CA ARG B 284 10.01 -20.84 14.39
C ARG B 284 9.12 -21.19 15.59
N ALA B 285 8.84 -20.19 16.42
CA ALA B 285 7.91 -20.36 17.53
C ALA B 285 6.49 -20.60 17.00
N GLY B 286 5.75 -21.49 17.64
CA GLY B 286 4.38 -21.79 17.26
C GLY B 286 4.29 -22.84 16.17
N GLN B 287 3.28 -22.71 15.31
CA GLN B 287 3.02 -23.69 14.25
C GLN B 287 4.08 -23.58 13.16
N GLN B 288 4.44 -24.71 12.55
CA GLN B 288 5.40 -24.73 11.45
CA GLN B 288 5.43 -24.67 11.48
C GLN B 288 4.85 -24.00 10.23
N ARG B 289 5.73 -23.40 9.45
CA ARG B 289 5.37 -22.77 8.19
C ARG B 289 6.23 -23.33 7.07
N ILE B 290 6.06 -24.63 6.83
CA ILE B 290 6.65 -25.33 5.71
C ILE B 290 5.51 -25.63 4.74
N ALA B 291 5.76 -25.47 3.44
CA ALA B 291 4.81 -25.87 2.41
C ALA B 291 5.49 -26.79 1.39
N TYR B 292 4.69 -27.46 0.58
CA TYR B 292 5.17 -28.45 -0.38
C TYR B 292 4.90 -27.92 -1.77
N CYS B 293 5.94 -27.87 -2.62
CA CYS B 293 5.80 -27.25 -3.94
CA CYS B 293 5.86 -27.22 -3.93
C CYS B 293 6.26 -28.16 -5.09
N PRO B 294 5.54 -29.27 -5.29
CA PRO B 294 5.86 -30.16 -6.41
C PRO B 294 5.44 -29.58 -7.75
N HIS B 295 5.91 -30.21 -8.83
CA HIS B 295 5.53 -29.87 -10.19
C HIS B 295 4.78 -31.04 -10.82
N LEU B 296 4.13 -30.79 -11.94
CA LEU B 296 3.34 -31.80 -12.65
C LEU B 296 3.63 -31.75 -14.14
N TYR B 297 4.26 -32.81 -14.64
CA TYR B 297 4.61 -32.91 -16.05
C TYR B 297 4.40 -34.36 -16.54
N PRO B 298 3.15 -34.68 -16.92
CA PRO B 298 2.82 -36.02 -17.38
C PRO B 298 3.66 -36.48 -18.58
N LEU B 299 4.10 -37.73 -18.54
CA LEU B 299 4.94 -38.31 -19.61
C LEU B 299 4.38 -38.16 -21.03
N PRO B 300 3.07 -38.44 -21.22
CA PRO B 300 2.56 -38.36 -22.60
C PRO B 300 2.74 -36.98 -23.23
N LEU B 301 2.62 -35.93 -22.43
CA LEU B 301 2.80 -34.56 -22.93
C LEU B 301 4.27 -34.21 -23.24
N ASP B 302 5.21 -34.91 -22.61
CA ASP B 302 6.64 -34.71 -22.91
C ASP B 302 7.04 -35.42 -24.21
N GLY B 306 0.20 -35.05 -27.29
CA GLY B 306 -1.12 -34.41 -27.21
C GLY B 306 -1.99 -35.00 -26.11
N HIS B 307 -3.19 -34.44 -25.96
CA HIS B 307 -4.11 -34.87 -24.92
C HIS B 307 -5.38 -35.47 -25.53
N GLU B 308 -5.18 -36.55 -26.28
CA GLU B 308 -6.26 -37.30 -26.90
C GLU B 308 -5.93 -38.78 -26.88
N GLY B 309 -6.96 -39.61 -27.05
CA GLY B 309 -6.79 -41.06 -27.15
C GLY B 309 -6.13 -41.67 -25.91
N LEU B 310 -5.29 -42.67 -26.13
CA LEU B 310 -4.61 -43.36 -25.03
C LEU B 310 -3.72 -42.39 -24.24
N ALA B 311 -3.08 -41.45 -24.93
CA ALA B 311 -2.28 -40.41 -24.28
C ALA B 311 -3.10 -39.67 -23.22
N ARG B 312 -4.35 -39.37 -23.55
CA ARG B 312 -5.24 -38.69 -22.61
C ARG B 312 -5.52 -39.55 -21.38
N THR B 313 -5.84 -40.83 -21.60
CA THR B 313 -6.08 -41.75 -20.49
C THR B 313 -4.86 -41.81 -19.57
N LEU B 314 -3.68 -41.93 -20.18
CA LEU B 314 -2.43 -42.00 -19.43
C LEU B 314 -2.18 -40.72 -18.63
N THR B 315 -2.46 -39.57 -19.23
CA THR B 315 -2.31 -38.30 -18.52
C THR B 315 -3.34 -38.16 -17.39
N ASP B 316 -4.58 -38.58 -17.63
CA ASP B 316 -5.61 -38.50 -16.59
C ASP B 316 -5.24 -39.34 -15.37
N VAL B 317 -4.77 -40.56 -15.58
CA VAL B 317 -4.37 -41.43 -14.48
CA VAL B 317 -4.39 -41.40 -14.45
C VAL B 317 -3.12 -40.87 -13.79
N THR B 318 -2.25 -40.22 -14.57
CA THR B 318 -1.08 -39.53 -14.01
C THR B 318 -1.52 -38.49 -12.98
N ILE B 319 -2.54 -37.70 -13.33
CA ILE B 319 -3.06 -36.67 -12.42
C ILE B 319 -3.58 -37.32 -11.13
N ASP B 320 -4.29 -38.44 -11.27
CA ASP B 320 -4.80 -39.16 -10.11
C ASP B 320 -3.67 -39.63 -9.19
N ALA B 321 -2.61 -40.19 -9.79
CA ALA B 321 -1.45 -40.67 -9.03
C ALA B 321 -0.71 -39.51 -8.39
N TRP B 322 -0.48 -38.46 -9.17
CA TRP B 322 0.18 -37.27 -8.68
C TRP B 322 -0.55 -36.67 -7.48
N ARG B 323 -1.88 -36.58 -7.58
CA ARG B 323 -2.68 -36.05 -6.47
C ARG B 323 -2.54 -36.90 -5.20
N ALA B 324 -2.70 -38.21 -5.34
CA ALA B 324 -2.57 -39.12 -4.20
C ALA B 324 -1.19 -39.01 -3.54
N ASN B 325 -0.15 -38.99 -4.36
CA ASN B 325 1.22 -38.91 -3.84
C ASN B 325 1.51 -37.54 -3.21
N THR B 326 1.05 -36.48 -3.87
CA THR B 326 1.24 -35.12 -3.36
C THR B 326 0.55 -34.97 -2.01
N ALA B 327 -0.68 -35.48 -1.89
CA ALA B 327 -1.40 -35.45 -0.63
C ALA B 327 -0.66 -36.21 0.48
N HIS B 328 -0.12 -37.38 0.14
CA HIS B 328 0.63 -38.18 1.10
C HIS B 328 1.84 -37.42 1.65
N THR B 329 2.67 -36.89 0.75
CA THR B 329 3.89 -36.21 1.19
C THR B 329 3.57 -34.90 1.94
N ALA B 330 2.49 -34.21 1.55
CA ALA B 330 2.04 -33.03 2.31
C ALA B 330 1.65 -33.41 3.74
N ARG B 331 1.07 -34.59 3.92
CA ARG B 331 0.79 -35.12 5.26
C ARG B 331 2.08 -35.44 6.01
N VAL B 332 3.01 -36.14 5.36
CA VAL B 332 4.31 -36.48 5.95
C VAL B 332 5.04 -35.24 6.46
N LEU B 333 4.98 -34.15 5.69
CA LEU B 333 5.64 -32.90 6.05
C LEU B 333 4.98 -32.15 7.20
N GLY B 334 3.78 -32.58 7.60
CA GLY B 334 3.05 -32.01 8.72
C GLY B 334 1.70 -31.40 8.35
N ASP B 335 0.96 -32.09 7.48
CA ASP B 335 -0.33 -31.61 6.98
C ASP B 335 -0.18 -30.19 6.43
N VAL B 336 0.76 -30.03 5.51
CA VAL B 336 1.18 -28.72 5.06
C VAL B 336 0.41 -28.22 3.84
N PRO B 337 0.43 -26.90 3.60
CA PRO B 337 -0.13 -26.37 2.36
C PRO B 337 0.62 -26.83 1.12
N ILE B 338 -0.07 -26.84 0.00
CA ILE B 338 0.48 -27.30 -1.26
C ILE B 338 0.44 -26.16 -2.26
N ILE B 339 1.54 -25.97 -2.98
CA ILE B 339 1.57 -25.11 -4.15
C ILE B 339 2.05 -25.93 -5.34
N LEU B 340 1.23 -25.99 -6.39
CA LEU B 340 1.67 -26.57 -7.66
C LEU B 340 2.57 -25.55 -8.32
N GLY B 341 3.88 -25.70 -8.12
CA GLY B 341 4.86 -24.69 -8.52
C GLY B 341 5.07 -24.56 -10.01
N GLU B 342 4.83 -25.65 -10.74
CA GLU B 342 4.84 -25.63 -12.18
C GLU B 342 3.94 -26.70 -12.77
N PHE B 343 3.22 -26.32 -13.80
CA PHE B 343 2.73 -27.23 -14.82
C PHE B 343 2.52 -26.40 -16.08
N GLY B 344 2.42 -27.05 -17.23
CA GLY B 344 2.18 -26.33 -18.47
C GLY B 344 2.40 -27.17 -19.70
N LEU B 345 1.95 -26.64 -20.82
CA LEU B 345 2.11 -27.31 -22.10
C LEU B 345 1.88 -26.33 -23.23
N ASP B 346 2.22 -26.75 -24.44
CA ASP B 346 1.89 -26.01 -25.65
C ASP B 346 0.37 -25.96 -25.77
N THR B 347 -0.20 -24.78 -25.63
CA THR B 347 -1.66 -24.62 -25.58
C THR B 347 -2.36 -24.86 -26.91
N THR B 348 -1.58 -25.04 -27.99
CA THR B 348 -2.14 -25.36 -29.31
C THR B 348 -2.34 -26.86 -29.54
N LEU B 349 -1.86 -27.69 -28.61
CA LEU B 349 -2.01 -29.15 -28.73
C LEU B 349 -3.49 -29.56 -28.61
N PRO B 350 -3.90 -30.60 -29.34
CA PRO B 350 -5.26 -31.10 -29.15
C PRO B 350 -5.53 -31.49 -27.69
N GLY B 351 -6.64 -31.01 -27.14
CA GLY B 351 -7.03 -31.32 -25.77
C GLY B 351 -6.36 -30.47 -24.69
N ALA B 352 -5.55 -29.49 -25.09
CA ALA B 352 -4.78 -28.70 -24.11
C ALA B 352 -5.68 -27.98 -23.10
N ARG B 353 -6.77 -27.37 -23.57
CA ARG B 353 -7.69 -26.69 -22.66
C ARG B 353 -8.30 -27.63 -21.62
N ASP B 354 -8.74 -28.81 -22.08
CA ASP B 354 -9.28 -29.82 -21.17
C ASP B 354 -8.26 -30.22 -20.10
N TYR B 355 -7.01 -30.42 -20.50
CA TYR B 355 -5.94 -30.75 -19.55
C TYR B 355 -5.74 -29.61 -18.53
N ILE B 356 -5.63 -28.39 -19.03
CA ILE B 356 -5.42 -27.22 -18.18
C ILE B 356 -6.58 -27.09 -17.18
N GLU B 357 -7.80 -27.22 -17.68
CA GLU B 357 -8.98 -27.13 -16.81
C GLU B 357 -9.05 -28.24 -15.76
N ARG B 358 -8.66 -29.46 -16.13
CA ARG B 358 -8.59 -30.58 -15.18
C ARG B 358 -7.56 -30.32 -14.08
N VAL B 359 -6.39 -29.82 -14.46
CA VAL B 359 -5.34 -29.53 -13.48
C VAL B 359 -5.78 -28.42 -12.50
N TYR B 360 -6.35 -27.34 -13.01
CA TYR B 360 -6.87 -26.29 -12.12
C TYR B 360 -8.01 -26.78 -11.22
N GLY B 361 -8.85 -27.67 -11.74
CA GLY B 361 -9.90 -28.29 -10.95
C GLY B 361 -9.34 -29.15 -9.83
N THR B 362 -8.31 -29.92 -10.16
CA THR B 362 -7.60 -30.74 -9.18
C THR B 362 -6.94 -29.87 -8.11
N ALA B 363 -6.25 -28.82 -8.53
CA ALA B 363 -5.60 -27.89 -7.61
C ALA B 363 -6.64 -27.28 -6.66
N ARG B 364 -7.78 -26.88 -7.20
CA ARG B 364 -8.87 -26.31 -6.42
C ARG B 364 -9.35 -27.28 -5.33
N GLU B 365 -9.61 -28.52 -5.72
CA GLU B 365 -10.08 -29.54 -4.77
C GLU B 365 -9.03 -29.85 -3.70
N MET B 366 -7.75 -29.76 -4.06
CA MET B 366 -6.64 -29.99 -3.13
C MET B 366 -6.29 -28.77 -2.26
N GLY B 367 -6.90 -27.62 -2.53
CA GLY B 367 -6.56 -26.40 -1.82
C GLY B 367 -5.16 -25.90 -2.17
N ALA B 368 -4.75 -26.15 -3.41
CA ALA B 368 -3.39 -25.87 -3.84
C ALA B 368 -3.29 -24.54 -4.57
N GLY B 369 -2.19 -23.83 -4.34
CA GLY B 369 -1.85 -22.69 -5.17
C GLY B 369 -1.34 -23.19 -6.51
N VAL B 370 -1.31 -22.31 -7.50
CA VAL B 370 -0.81 -22.68 -8.82
C VAL B 370 0.03 -21.56 -9.40
N SER B 371 1.24 -21.88 -9.83
CA SER B 371 2.00 -21.01 -10.73
C SER B 371 2.28 -21.76 -12.03
N TYR B 372 1.62 -21.33 -13.09
CA TYR B 372 1.72 -21.91 -14.43
C TYR B 372 3.11 -21.65 -15.04
N TRP B 373 3.65 -22.64 -15.75
CA TRP B 373 4.91 -22.49 -16.48
C TRP B 373 4.60 -22.22 -17.96
N SER B 374 4.75 -20.98 -18.44
CA SER B 374 5.22 -19.81 -17.69
C SER B 374 4.68 -18.57 -18.40
N SER B 375 5.07 -17.39 -17.92
CA SER B 375 4.65 -16.14 -18.56
C SER B 375 5.45 -15.83 -19.83
N ASP B 376 6.52 -16.57 -20.08
CA ASP B 376 7.37 -16.34 -21.25
C ASP B 376 6.59 -16.38 -22.55
N PRO B 377 6.97 -15.52 -23.53
CA PRO B 377 6.24 -15.50 -24.80
C PRO B 377 6.34 -16.80 -25.59
N GLY B 378 5.24 -17.21 -26.18
CA GLY B 378 5.17 -18.45 -26.96
C GLY B 378 3.88 -19.21 -26.68
N PRO B 379 3.68 -20.33 -27.40
CA PRO B 379 2.43 -21.09 -27.33
C PRO B 379 2.13 -21.76 -25.97
N TRP B 380 3.15 -21.94 -25.13
CA TRP B 380 2.91 -22.43 -23.76
C TRP B 380 2.25 -21.36 -22.90
N GLY B 381 2.62 -20.10 -23.14
CA GLY B 381 2.28 -18.98 -22.27
C GLY B 381 0.99 -18.28 -22.63
N PRO B 382 0.68 -17.18 -21.91
CA PRO B 382 -0.54 -16.42 -22.17
C PRO B 382 -0.51 -15.58 -23.46
N TYR B 383 0.69 -15.18 -23.90
CA TYR B 383 0.85 -14.35 -25.10
C TYR B 383 1.95 -14.86 -26.01
N LEU B 384 1.73 -14.77 -27.32
CA LEU B 384 2.76 -15.04 -28.32
C LEU B 384 3.74 -13.86 -28.35
N PRO B 385 4.95 -14.06 -28.94
CA PRO B 385 5.94 -12.97 -29.03
C PRO B 385 5.41 -11.62 -29.52
N ASP B 386 4.45 -11.64 -30.44
CA ASP B 386 3.89 -10.39 -30.98
C ASP B 386 2.82 -9.74 -30.08
N GLY B 387 2.46 -10.41 -28.98
CA GLY B 387 1.47 -9.88 -28.04
C GLY B 387 0.10 -10.52 -28.14
N THR B 388 -0.10 -11.35 -29.17
CA THR B 388 -1.36 -12.06 -29.39
C THR B 388 -1.65 -13.02 -28.24
N GLN B 389 -2.89 -13.04 -27.78
CA GLN B 389 -3.30 -13.94 -26.70
C GLN B 389 -3.40 -15.38 -27.18
N THR B 390 -2.95 -16.32 -26.35
CA THR B 390 -3.18 -17.74 -26.58
C THR B 390 -4.50 -18.10 -25.92
N LEU B 391 -4.93 -19.35 -26.07
CA LEU B 391 -6.16 -19.81 -25.42
C LEU B 391 -6.05 -19.83 -23.89
N LEU B 392 -4.84 -19.68 -23.37
CA LEU B 392 -4.61 -19.69 -21.93
C LEU B 392 -5.33 -18.54 -21.22
N VAL B 393 -5.39 -17.37 -21.86
CA VAL B 393 -5.94 -16.18 -21.19
C VAL B 393 -7.40 -16.38 -20.78
N ASP B 394 -8.24 -16.79 -21.73
CA ASP B 394 -9.66 -17.00 -21.44
C ASP B 394 -9.87 -18.20 -20.51
N THR B 395 -8.96 -19.16 -20.56
CA THR B 395 -9.03 -20.33 -19.69
C THR B 395 -8.78 -19.94 -18.23
N LEU B 396 -7.80 -19.06 -17.99
CA LEU B 396 -7.42 -18.68 -16.63
C LEU B 396 -8.24 -17.52 -16.06
N ASN B 397 -8.86 -16.73 -16.92
CA ASN B 397 -9.57 -15.54 -16.47
C ASN B 397 -10.96 -15.88 -15.95
N LYS B 398 -10.99 -16.49 -14.76
CA LYS B 398 -12.24 -16.88 -14.11
C LYS B 398 -12.26 -16.28 -12.71
N PRO B 399 -13.46 -16.09 -12.14
CA PRO B 399 -13.55 -15.63 -10.77
C PRO B 399 -12.90 -16.62 -9.80
N TYR B 400 -12.29 -16.11 -8.74
CA TYR B 400 -11.78 -16.97 -7.69
C TYR B 400 -11.65 -16.18 -6.39
N PRO B 401 -11.68 -16.91 -5.24
CA PRO B 401 -11.44 -16.25 -3.98
C PRO B 401 -9.94 -16.06 -3.81
N ARG B 402 -9.50 -14.85 -3.46
CA ARG B 402 -8.07 -14.54 -3.31
C ARG B 402 -7.60 -14.74 -1.88
N ALA B 403 -8.39 -14.24 -0.93
CA ALA B 403 -8.07 -14.33 0.47
C ALA B 403 -9.38 -14.50 1.23
N VAL B 404 -9.52 -15.63 1.93
CA VAL B 404 -10.79 -16.01 2.55
C VAL B 404 -10.73 -15.85 4.07
N ALA B 405 -11.74 -15.20 4.65
CA ALA B 405 -11.85 -15.08 6.10
C ALA B 405 -12.40 -16.39 6.69
N GLY B 406 -11.52 -17.40 6.72
CA GLY B 406 -11.89 -18.75 7.13
C GLY B 406 -11.30 -19.74 6.15
N THR B 407 -11.52 -21.02 6.43
CA THR B 407 -10.98 -22.09 5.60
C THR B 407 -11.99 -22.40 4.50
N PRO B 408 -11.60 -22.21 3.23
CA PRO B 408 -12.50 -22.66 2.17
C PRO B 408 -12.59 -24.18 2.16
N THR B 409 -13.81 -24.71 2.21
CA THR B 409 -14.03 -26.16 2.16
C THR B 409 -14.25 -26.63 0.73
N GLU B 410 -14.92 -25.78 -0.06
CA GLU B 410 -15.11 -26.03 -1.47
C GLU B 410 -15.50 -24.74 -2.17
N TRP B 411 -15.18 -24.67 -3.45
CA TRP B 411 -15.68 -23.57 -4.26
C TRP B 411 -15.74 -23.99 -5.72
N SER B 412 -16.37 -23.15 -6.53
CA SER B 412 -16.52 -23.41 -7.95
C SER B 412 -16.66 -22.07 -8.63
N SER B 413 -16.23 -21.99 -9.88
CA SER B 413 -16.49 -20.80 -10.65
C SER B 413 -16.67 -21.09 -12.13
N THR B 414 -17.50 -20.25 -12.74
CA THR B 414 -17.67 -20.20 -14.18
C THR B 414 -17.46 -18.74 -14.56
N SER B 415 -17.61 -18.42 -15.85
CA SER B 415 -17.40 -17.05 -16.33
CA SER B 415 -17.39 -17.05 -16.32
C SER B 415 -18.25 -16.02 -15.59
N ASP B 416 -19.46 -16.40 -15.19
CA ASP B 416 -20.40 -15.46 -14.55
C ASP B 416 -20.99 -15.96 -13.24
N ARG B 417 -20.24 -16.79 -12.51
CA ARG B 417 -20.68 -17.28 -11.22
C ARG B 417 -19.49 -17.73 -10.37
N LEU B 418 -19.51 -17.36 -9.10
CA LEU B 418 -18.59 -17.91 -8.11
C LEU B 418 -19.40 -18.36 -6.91
N GLN B 419 -19.08 -19.54 -6.39
CA GLN B 419 -19.66 -20.02 -5.15
C GLN B 419 -18.54 -20.54 -4.27
N LEU B 420 -18.60 -20.21 -2.98
CA LEU B 420 -17.55 -20.54 -2.02
C LEU B 420 -18.17 -20.91 -0.69
N THR B 421 -17.76 -22.04 -0.11
CA THR B 421 -18.17 -22.39 1.24
C THR B 421 -16.99 -22.25 2.19
N ILE B 422 -17.26 -21.65 3.35
CA ILE B 422 -16.25 -21.23 4.30
C ILE B 422 -16.52 -21.82 5.69
N GLU B 423 -15.50 -22.43 6.28
CA GLU B 423 -15.50 -22.77 7.70
C GLU B 423 -15.18 -21.48 8.45
N PRO B 424 -16.13 -20.98 9.26
CA PRO B 424 -15.93 -19.66 9.84
C PRO B 424 -14.80 -19.60 10.87
N ASP B 425 -14.22 -18.40 11.00
CA ASP B 425 -13.23 -18.12 12.02
C ASP B 425 -13.52 -16.72 12.55
N ALA B 426 -14.14 -16.64 13.73
CA ALA B 426 -14.57 -15.36 14.30
C ALA B 426 -13.42 -14.40 14.63
N ALA B 427 -12.21 -14.92 14.78
CA ALA B 427 -11.05 -14.10 15.08
C ALA B 427 -10.64 -13.20 13.91
N ILE B 428 -11.02 -13.60 12.69
CA ILE B 428 -10.67 -12.84 11.49
C ILE B 428 -11.68 -11.72 11.26
N THR B 429 -11.20 -10.48 11.20
CA THR B 429 -12.03 -9.32 10.96
C THR B 429 -11.93 -8.82 9.52
N ALA B 430 -10.82 -9.11 8.84
CA ALA B 430 -10.64 -8.67 7.45
C ALA B 430 -11.64 -9.41 6.55
N PRO B 431 -12.12 -8.72 5.49
CA PRO B 431 -13.14 -9.32 4.64
C PRO B 431 -12.59 -10.38 3.69
N THR B 432 -13.45 -11.27 3.23
CA THR B 432 -13.10 -12.17 2.15
C THR B 432 -12.97 -11.36 0.87
N GLU B 433 -11.90 -11.62 0.11
CA GLU B 433 -11.55 -10.84 -1.07
C GLU B 433 -11.59 -11.75 -2.29
N ILE B 434 -12.28 -11.29 -3.34
CA ILE B 434 -12.62 -12.12 -4.49
C ILE B 434 -12.34 -11.35 -5.77
N TYR B 435 -11.79 -12.05 -6.77
CA TYR B 435 -11.61 -11.49 -8.11
C TYR B 435 -12.82 -11.85 -8.97
N LEU B 436 -13.38 -10.85 -9.66
CA LEU B 436 -14.47 -11.06 -10.62
C LEU B 436 -14.08 -10.45 -11.95
N PRO B 437 -13.96 -11.28 -13.01
CA PRO B 437 -13.62 -10.72 -14.33
C PRO B 437 -14.72 -9.83 -14.91
N GLU B 438 -14.33 -8.74 -15.57
CA GLU B 438 -15.29 -7.84 -16.20
C GLU B 438 -16.10 -8.54 -17.29
N ALA B 439 -15.49 -9.53 -17.94
CA ALA B 439 -16.15 -10.27 -19.01
C ALA B 439 -17.52 -10.79 -18.55
N GLY B 440 -17.55 -11.46 -17.40
CA GLY B 440 -18.77 -12.05 -16.87
C GLY B 440 -19.52 -11.19 -15.86
N PHE B 441 -18.84 -10.17 -15.33
CA PHE B 441 -19.43 -9.25 -14.35
C PHE B 441 -19.25 -7.81 -14.86
N PRO B 442 -19.99 -7.44 -15.92
CA PRO B 442 -19.82 -6.13 -16.55
C PRO B 442 -20.30 -4.93 -15.74
N GLY B 443 -21.15 -5.15 -14.74
CA GLY B 443 -21.72 -4.06 -13.94
C GLY B 443 -21.65 -4.29 -12.45
N ASP B 444 -22.82 -4.31 -11.81
CA ASP B 444 -22.93 -4.53 -10.37
C ASP B 444 -22.94 -6.02 -10.06
N VAL B 445 -22.76 -6.33 -8.77
CA VAL B 445 -22.74 -7.71 -8.30
C VAL B 445 -23.95 -8.00 -7.44
N HIS B 446 -24.35 -9.26 -7.42
CA HIS B 446 -25.35 -9.76 -6.50
C HIS B 446 -24.71 -10.85 -5.64
N VAL B 447 -24.80 -10.70 -4.32
CA VAL B 447 -24.16 -11.62 -3.41
C VAL B 447 -25.18 -12.17 -2.42
N GLU B 448 -25.21 -13.50 -2.30
CA GLU B 448 -26.01 -14.22 -1.29
CA GLU B 448 -25.99 -14.14 -1.25
C GLU B 448 -25.07 -14.88 -0.30
N GLY B 449 -25.43 -14.84 0.99
CA GLY B 449 -24.66 -15.50 2.03
C GLY B 449 -23.60 -14.62 2.65
N ALA B 450 -23.45 -13.41 2.15
CA ALA B 450 -22.51 -12.44 2.71
C ALA B 450 -22.98 -11.02 2.43
N ASP B 451 -22.47 -10.08 3.23
CA ASP B 451 -22.73 -8.67 3.00
C ASP B 451 -21.55 -8.05 2.26
N VAL B 452 -21.85 -7.27 1.22
CA VAL B 452 -20.80 -6.64 0.42
C VAL B 452 -20.27 -5.41 1.14
N VAL B 453 -18.96 -5.39 1.42
CA VAL B 453 -18.35 -4.24 2.09
C VAL B 453 -17.60 -3.35 1.09
N GLY B 454 -17.23 -3.90 -0.05
CA GLY B 454 -16.65 -3.10 -1.12
C GLY B 454 -16.69 -3.81 -2.46
N TRP B 455 -16.85 -3.05 -3.53
CA TRP B 455 -16.77 -3.60 -4.89
C TRP B 455 -16.10 -2.57 -5.79
N ASP B 456 -14.84 -2.83 -6.12
CA ASP B 456 -14.00 -1.93 -6.88
C ASP B 456 -13.92 -2.44 -8.32
N ARG B 457 -14.62 -1.75 -9.22
CA ARG B 457 -14.67 -2.14 -10.63
C ARG B 457 -13.36 -1.87 -11.39
N GLN B 458 -12.43 -1.14 -10.77
CA GLN B 458 -11.10 -0.90 -11.35
C GLN B 458 -10.14 -2.04 -11.06
N SER B 459 -10.00 -2.38 -9.77
CA SER B 459 -9.12 -3.48 -9.34
C SER B 459 -9.78 -4.86 -9.54
N ARG B 460 -11.09 -4.85 -9.81
CA ARG B 460 -11.88 -6.09 -9.95
C ARG B 460 -11.98 -6.89 -8.66
N LEU B 461 -11.84 -6.21 -7.51
CA LEU B 461 -11.86 -6.86 -6.21
C LEU B 461 -13.17 -6.63 -5.46
N LEU B 462 -13.85 -7.73 -5.15
CA LEU B 462 -15.03 -7.73 -4.31
C LEU B 462 -14.62 -8.13 -2.91
N THR B 463 -15.09 -7.38 -1.91
CA THR B 463 -14.84 -7.70 -0.51
C THR B 463 -16.18 -7.88 0.19
N VAL B 464 -16.30 -8.96 0.96
CA VAL B 464 -17.53 -9.32 1.65
C VAL B 464 -17.24 -9.79 3.07
N ARG B 465 -18.25 -9.72 3.92
CA ARG B 465 -18.17 -10.31 5.26
C ARG B 465 -19.30 -11.30 5.48
N THR B 466 -18.99 -12.35 6.21
CA THR B 466 -19.89 -13.46 6.46
C THR B 466 -20.07 -13.65 7.97
N PRO B 467 -21.21 -14.22 8.39
CA PRO B 467 -21.37 -14.54 9.80
C PRO B 467 -20.44 -15.67 10.24
N ALA B 468 -19.98 -15.62 11.50
CA ALA B 468 -19.06 -16.62 12.04
C ALA B 468 -19.69 -17.49 13.13
N ASP B 469 -20.98 -17.29 13.39
CA ASP B 469 -21.69 -17.97 14.48
C ASP B 469 -22.85 -18.84 13.98
N SER B 470 -22.79 -19.22 12.69
CA SER B 470 -23.87 -19.98 12.06
CA SER B 470 -23.87 -19.98 12.07
C SER B 470 -23.34 -21.22 11.32
N GLY B 471 -22.14 -21.67 11.69
CA GLY B 471 -21.53 -22.81 11.03
C GLY B 471 -21.00 -22.44 9.66
N ASN B 472 -20.77 -23.44 8.81
CA ASN B 472 -20.22 -23.19 7.48
C ASN B 472 -21.15 -22.28 6.68
N VAL B 473 -20.54 -21.34 5.95
CA VAL B 473 -21.28 -20.34 5.19
C VAL B 473 -20.96 -20.50 3.72
N THR B 474 -22.00 -20.49 2.90
CA THR B 474 -21.86 -20.55 1.46
C THR B 474 -22.18 -19.18 0.87
N VAL B 475 -21.23 -18.65 0.10
CA VAL B 475 -21.36 -17.34 -0.53
C VAL B 475 -21.47 -17.54 -2.03
N THR B 476 -22.49 -16.94 -2.64
CA THR B 476 -22.71 -17.06 -4.07
C THR B 476 -22.72 -15.67 -4.71
N VAL B 477 -21.89 -15.50 -5.73
CA VAL B 477 -21.72 -14.22 -6.39
C VAL B 477 -22.10 -14.36 -7.86
N THR B 478 -23.05 -13.51 -8.28
CA THR B 478 -23.57 -13.54 -9.64
C THR B 478 -23.70 -12.10 -10.14
N PRO B 479 -23.79 -11.91 -11.48
CA PRO B 479 -23.96 -10.55 -11.98
C PRO B 479 -25.34 -9.97 -11.65
N ALA B 480 -25.37 -8.69 -11.32
CA ALA B 480 -26.62 -8.01 -11.02
C ALA B 480 -27.45 -7.88 -12.29
N ALA B 481 -28.77 -7.95 -12.14
CA ALA B 481 -29.68 -7.77 -13.27
C ALA B 481 -29.60 -6.35 -13.80
#